data_5WWR
#
_entry.id   5WWR
#
_cell.length_a   206.908
_cell.length_b   170.478
_cell.length_c   76.999
_cell.angle_alpha   90.000
_cell.angle_beta   108.550
_cell.angle_gamma   90.000
#
_symmetry.space_group_name_H-M   'C 1 2 1'
#
loop_
_entity.id
_entity.type
_entity.pdbx_description
1 polymer 'Putative methyltransferase NSUN6'
2 polymer tRNA
3 non-polymer SINEFUNGIN
#
loop_
_entity_poly.entity_id
_entity_poly.type
_entity_poly.pdbx_seq_one_letter_code
_entity_poly.pdbx_strand_id
1 'polypeptide(L)'
;MSIFPKISLRPEVENYLKEGFMNKEIVTALGKQEAERKFETLLKHLSHPPSFTTVRVNTHLASVQHVKNLLLDELQKQFN
GLSVPILQHPDLQDVLLIPVIGPRKNIKKQQCEAIVGAQCGNAVLRGAHVYAPGIVSASQFMKAGDVISVYSDIKGKCKK
GAKEFDGTKVFLGNGISELSRKEIFSGLPELKGMGIRMTEPVYLSPSFDSVLPRYLFLQNLPSALVSHVLNPQPGEKILD
LCAAPGGKTTHIAALMHDQGEVIALDKIFNKVEKIKQNALLLGLNSIRAFCFDGTKAVKLDMVEDTEGEPPFLPESFDRI
LLDAPCSGMGQRPNMACTWSVKEVASYQPLQRKLFTAAVQLLKPEGVLVYSTCTITLAENEEQVAWALTKFPCLQLQPQE
PQIGGEGMRGAGLSCEQLKQLQRFDPSAVPLPDTDMDSLREARREDMLRLANKDSIGFFIAKFVKCKSTLEHHHHHH
;
A,B
2 'polyribonucleotide' GAGGGUAUAGCUCAGGGGUAGAGCAUUUGACUGCAGAUCAAGAGGUCCCUGGUUCAAAUCCAGGUGCCCUCUCCA C,D
#
loop_
_chem_comp.id
_chem_comp.type
_chem_comp.name
_chem_comp.formula
A RNA linking ADENOSINE-5'-MONOPHOSPHATE 'C10 H14 N5 O7 P'
C RNA linking CYTIDINE-5'-MONOPHOSPHATE 'C9 H14 N3 O8 P'
G RNA linking GUANOSINE-5'-MONOPHOSPHATE 'C10 H14 N5 O8 P'
SFG non-polymer SINEFUNGIN 'C15 H23 N7 O5'
U RNA linking URIDINE-5'-MONOPHOSPHATE 'C9 H13 N2 O9 P'
#
# COMPACT_ATOMS: atom_id res chain seq x y z
N SER A 2 21.55 -12.44 23.39
CA SER A 2 20.87 -13.04 24.54
C SER A 2 21.32 -14.49 24.77
N ILE A 3 20.63 -15.42 24.11
CA ILE A 3 20.77 -16.84 24.40
C ILE A 3 21.96 -17.50 23.69
N PHE A 4 22.21 -17.13 22.43
CA PHE A 4 23.27 -17.74 21.65
C PHE A 4 24.56 -16.92 21.70
N PRO A 5 25.71 -17.59 21.57
CA PRO A 5 27.01 -16.89 21.52
C PRO A 5 27.23 -16.17 20.19
N LYS A 6 28.42 -15.61 19.99
CA LYS A 6 28.75 -14.96 18.72
C LYS A 6 28.85 -15.99 17.61
N ILE A 7 28.75 -15.52 16.36
CA ILE A 7 28.88 -16.40 15.21
C ILE A 7 30.28 -17.00 15.12
N SER A 8 30.37 -18.32 15.14
CA SER A 8 31.65 -19.01 15.14
C SER A 8 32.37 -18.87 13.81
N LEU A 9 33.29 -17.92 13.74
CA LEU A 9 34.04 -17.65 12.53
C LEU A 9 35.49 -18.12 12.64
N ARG A 10 36.10 -18.41 11.50
CA ARG A 10 37.53 -18.67 11.45
C ARG A 10 38.25 -17.39 11.89
N PRO A 11 39.39 -17.53 12.57
CA PRO A 11 40.14 -16.37 13.05
C PRO A 11 40.46 -15.39 11.91
N GLU A 12 40.88 -15.93 10.79
CA GLU A 12 41.22 -15.14 9.61
C GLU A 12 40.00 -14.40 9.04
N VAL A 13 38.85 -15.08 9.02
CA VAL A 13 37.61 -14.47 8.52
C VAL A 13 37.15 -13.34 9.44
N GLU A 14 37.11 -13.63 10.73
CA GLU A 14 36.68 -12.65 11.72
C GLU A 14 37.59 -11.44 11.73
N ASN A 15 38.89 -11.67 11.52
CA ASN A 15 39.85 -10.58 11.40
C ASN A 15 39.68 -9.81 10.09
N TYR A 16 39.22 -10.50 9.05
CA TYR A 16 38.93 -9.87 7.77
C TYR A 16 37.78 -8.88 7.93
N LEU A 17 36.66 -9.38 8.45
CA LEU A 17 35.51 -8.53 8.71
C LEU A 17 35.87 -7.40 9.67
N LYS A 18 36.71 -7.72 10.66
CA LYS A 18 37.20 -6.71 11.59
C LYS A 18 37.95 -5.60 10.86
N GLU A 19 38.79 -5.98 9.91
CA GLU A 19 39.47 -5.02 9.06
C GLU A 19 38.45 -4.17 8.31
N GLY A 20 37.35 -4.80 7.91
CA GLY A 20 36.29 -4.09 7.23
C GLY A 20 35.62 -3.02 8.07
N PHE A 21 35.24 -3.37 9.29
CA PHE A 21 34.45 -2.47 10.14
C PHE A 21 35.29 -1.52 10.97
N MET A 22 36.61 -1.65 10.89
CA MET A 22 37.50 -0.81 11.69
C MET A 22 38.47 0.00 10.82
N ASN A 23 38.00 0.38 9.63
CA ASN A 23 38.82 1.17 8.71
C ASN A 23 39.08 2.58 9.23
N LYS A 24 39.96 3.31 8.55
CA LYS A 24 40.39 4.63 9.00
C LYS A 24 39.25 5.63 9.14
N GLU A 25 38.29 5.58 8.21
CA GLU A 25 37.20 6.54 8.19
C GLU A 25 36.25 6.35 9.37
N ILE A 26 35.86 5.10 9.62
CA ILE A 26 34.98 4.78 10.74
C ILE A 26 35.64 5.11 12.08
N VAL A 27 36.92 4.74 12.20
CA VAL A 27 37.70 5.06 13.40
C VAL A 27 37.76 6.56 13.62
N THR A 28 37.94 7.31 12.53
CA THR A 28 37.97 8.76 12.59
C THR A 28 36.65 9.33 13.08
N ALA A 29 35.54 8.82 12.53
CA ALA A 29 34.23 9.38 12.80
C ALA A 29 33.54 8.76 14.02
N LEU A 30 34.21 7.85 14.71
CA LEU A 30 33.59 7.17 15.84
C LEU A 30 34.57 6.79 16.96
N GLY A 31 35.79 6.44 16.58
CA GLY A 31 36.77 5.99 17.55
C GLY A 31 36.82 4.48 17.63
N LYS A 32 37.98 3.94 17.97
CA LYS A 32 38.18 2.50 18.04
C LYS A 32 37.32 1.84 19.11
N GLN A 33 37.26 2.48 20.28
CA GLN A 33 36.51 1.97 21.42
C GLN A 33 35.03 1.76 21.10
N GLU A 34 34.52 2.55 20.15
CA GLU A 34 33.10 2.46 19.77
C GLU A 34 32.91 1.48 18.62
N ALA A 35 33.71 1.64 17.57
CA ALA A 35 33.62 0.81 16.38
C ALA A 35 33.79 -0.68 16.70
N GLU A 36 34.72 -0.98 17.60
CA GLU A 36 34.98 -2.36 18.00
C GLU A 36 33.75 -2.97 18.66
N ARG A 37 33.12 -2.21 19.54
CA ARG A 37 31.93 -2.66 20.24
C ARG A 37 30.76 -2.83 19.26
N LYS A 38 30.71 -1.96 18.25
CA LYS A 38 29.71 -2.09 17.19
C LYS A 38 29.88 -3.41 16.46
N PHE A 39 31.12 -3.69 16.07
CA PHE A 39 31.46 -4.93 15.37
C PHE A 39 31.09 -6.17 16.19
N GLU A 40 31.52 -6.18 17.44
CA GLU A 40 31.24 -7.30 18.33
C GLU A 40 29.75 -7.48 18.55
N THR A 41 29.02 -6.36 18.65
CA THR A 41 27.57 -6.39 18.80
C THR A 41 26.93 -7.04 17.58
N LEU A 42 27.45 -6.70 16.41
CA LEU A 42 27.00 -7.33 15.17
C LEU A 42 27.21 -8.84 15.20
N LEU A 43 28.44 -9.25 15.52
CA LEU A 43 28.76 -10.67 15.58
C LEU A 43 27.91 -11.41 16.61
N LYS A 44 27.47 -10.69 17.64
CA LYS A 44 26.61 -11.26 18.66
C LYS A 44 25.18 -11.39 18.15
N HIS A 45 24.78 -10.46 17.30
CA HIS A 45 23.40 -10.43 16.80
C HIS A 45 23.16 -11.41 15.65
N LEU A 46 24.20 -11.70 14.87
CA LEU A 46 24.04 -12.56 13.69
C LEU A 46 23.64 -14.00 14.03
N SER A 47 23.77 -14.38 15.29
CA SER A 47 23.48 -15.75 15.71
C SER A 47 22.01 -15.95 16.05
N HIS A 48 21.27 -14.86 16.15
CA HIS A 48 19.88 -14.92 16.59
C HIS A 48 18.93 -14.60 15.45
N PRO A 49 17.79 -15.32 15.39
CA PRO A 49 16.77 -15.11 14.37
C PRO A 49 16.22 -13.69 14.39
N PRO A 50 15.78 -13.18 13.22
CA PRO A 50 15.07 -11.91 13.21
C PRO A 50 13.83 -11.97 14.08
N SER A 51 13.49 -10.88 14.76
CA SER A 51 12.37 -10.89 15.70
C SER A 51 11.01 -10.84 15.02
N PHE A 52 11.01 -10.80 13.69
CA PHE A 52 9.76 -10.73 12.94
C PHE A 52 9.72 -11.64 11.73
N THR A 53 8.71 -12.50 11.69
CA THR A 53 8.39 -13.28 10.51
C THR A 53 7.65 -12.39 9.52
N THR A 54 8.31 -12.06 8.43
CA THR A 54 7.73 -11.17 7.42
C THR A 54 7.21 -11.97 6.23
N VAL A 55 5.96 -11.72 5.84
CA VAL A 55 5.33 -12.47 4.76
C VAL A 55 4.85 -11.56 3.63
N ARG A 56 5.29 -11.83 2.41
CA ARG A 56 4.83 -11.04 1.28
C ARG A 56 3.52 -11.59 0.73
N VAL A 57 2.56 -10.70 0.52
CA VAL A 57 1.26 -11.06 -0.02
C VAL A 57 1.26 -10.99 -1.54
N ASN A 58 0.79 -12.07 -2.18
CA ASN A 58 0.63 -12.09 -3.64
C ASN A 58 -0.62 -11.30 -4.04
N THR A 59 -0.44 -10.01 -4.26
CA THR A 59 -1.54 -9.11 -4.56
C THR A 59 -2.24 -9.42 -5.87
N HIS A 60 -1.62 -10.27 -6.70
CA HIS A 60 -2.19 -10.59 -8.00
C HIS A 60 -3.19 -11.75 -7.92
N LEU A 61 -3.35 -12.33 -6.73
CA LEU A 61 -4.32 -13.41 -6.54
C LEU A 61 -5.18 -13.19 -5.30
N ALA A 62 -4.69 -12.41 -4.36
CA ALA A 62 -5.43 -12.13 -3.13
C ALA A 62 -4.98 -10.82 -2.50
N SER A 63 -5.93 -10.05 -1.97
CA SER A 63 -5.62 -8.79 -1.32
C SER A 63 -4.98 -9.03 0.05
N VAL A 64 -4.36 -8.00 0.60
CA VAL A 64 -3.66 -8.10 1.87
C VAL A 64 -4.63 -8.36 3.02
N GLN A 65 -5.82 -7.76 2.94
CA GLN A 65 -6.86 -7.93 3.96
C GLN A 65 -7.29 -9.39 4.08
N HIS A 66 -7.67 -9.97 2.94
CA HIS A 66 -8.09 -11.36 2.85
C HIS A 66 -7.04 -12.32 3.40
N VAL A 67 -5.83 -12.18 2.88
CA VAL A 67 -4.69 -13.00 3.31
C VAL A 67 -4.43 -12.85 4.80
N LYS A 68 -4.56 -11.62 5.31
CA LYS A 68 -4.37 -11.36 6.74
C LYS A 68 -5.39 -12.11 7.58
N ASN A 69 -6.65 -12.08 7.14
CA ASN A 69 -7.70 -12.81 7.85
C ASN A 69 -7.46 -14.32 7.84
N LEU A 70 -7.16 -14.86 6.66
CA LEU A 70 -6.86 -16.28 6.53
C LEU A 70 -5.68 -16.69 7.40
N LEU A 71 -4.68 -15.81 7.48
CA LEU A 71 -3.51 -16.07 8.31
C LEU A 71 -3.84 -15.95 9.78
N LEU A 72 -4.86 -15.15 10.11
CA LEU A 72 -5.34 -15.07 11.48
C LEU A 72 -5.97 -16.40 11.88
N ASP A 73 -6.79 -16.95 10.99
CA ASP A 73 -7.36 -18.28 11.22
C ASP A 73 -6.25 -19.35 11.34
N GLU A 74 -5.25 -19.23 10.47
CA GLU A 74 -4.14 -20.19 10.45
C GLU A 74 -3.34 -20.15 11.76
N LEU A 75 -3.03 -18.94 12.24
CA LEU A 75 -2.30 -18.80 13.49
C LEU A 75 -3.17 -19.23 14.67
N GLN A 76 -4.48 -19.07 14.52
CA GLN A 76 -5.43 -19.60 15.50
C GLN A 76 -5.28 -21.12 15.60
N LYS A 77 -5.13 -21.77 14.45
CA LYS A 77 -5.01 -23.23 14.41
C LYS A 77 -3.66 -23.73 14.91
N GLN A 78 -2.58 -23.14 14.41
CA GLN A 78 -1.23 -23.61 14.72
C GLN A 78 -0.85 -23.43 16.19
N PHE A 79 -1.18 -22.28 16.74
CA PHE A 79 -0.78 -21.93 18.10
C PHE A 79 -1.82 -22.32 19.15
N ASN A 80 -2.77 -23.17 18.76
CA ASN A 80 -3.81 -23.69 19.64
C ASN A 80 -4.60 -22.58 20.33
N GLY A 81 -4.71 -21.43 19.67
CA GLY A 81 -5.49 -20.34 20.20
C GLY A 81 -4.70 -19.29 20.96
N LEU A 82 -3.43 -19.13 20.60
CA LEU A 82 -2.61 -18.07 21.20
C LEU A 82 -3.02 -16.74 20.60
N SER A 83 -2.37 -15.66 21.02
CA SER A 83 -2.73 -14.34 20.52
C SER A 83 -1.51 -13.53 20.06
N VAL A 84 -1.05 -13.80 18.84
CA VAL A 84 0.00 -13.00 18.23
C VAL A 84 -0.59 -12.16 17.11
N PRO A 85 -0.22 -10.86 17.06
CA PRO A 85 -0.79 -9.94 16.08
C PRO A 85 -0.21 -10.13 14.68
N ILE A 86 -0.90 -9.61 13.68
CA ILE A 86 -0.37 -9.59 12.32
C ILE A 86 -0.43 -8.16 11.78
N LEU A 87 0.66 -7.43 11.99
CA LEU A 87 0.76 -6.04 11.56
C LEU A 87 0.85 -5.93 10.04
N GLN A 88 0.53 -4.75 9.51
CA GLN A 88 0.72 -4.45 8.10
C GLN A 88 1.65 -3.25 7.98
N HIS A 89 2.75 -3.42 7.25
CA HIS A 89 3.75 -2.37 7.11
C HIS A 89 3.15 -1.15 6.40
N PRO A 90 3.38 0.05 6.95
CA PRO A 90 2.88 1.29 6.36
C PRO A 90 3.61 1.69 5.10
N ASP A 91 4.91 1.38 5.04
CA ASP A 91 5.72 1.72 3.87
C ASP A 91 5.63 0.63 2.81
N LEU A 92 5.86 -0.62 3.23
CA LEU A 92 5.71 -1.75 2.32
C LEU A 92 4.26 -2.25 2.37
N GLN A 93 3.47 -1.81 1.40
CA GLN A 93 2.03 -2.01 1.40
C GLN A 93 1.60 -3.47 1.36
N ASP A 94 2.39 -4.31 0.70
CA ASP A 94 2.02 -5.71 0.53
C ASP A 94 2.85 -6.66 1.41
N VAL A 95 3.25 -6.18 2.58
CA VAL A 95 4.03 -7.00 3.51
C VAL A 95 3.37 -7.10 4.88
N LEU A 96 3.21 -8.32 5.38
CA LEU A 96 2.65 -8.56 6.69
C LEU A 96 3.76 -8.92 7.69
N LEU A 97 3.54 -8.55 8.96
CA LEU A 97 4.55 -8.76 10.00
C LEU A 97 3.98 -9.54 11.18
N ILE A 98 4.64 -10.64 11.55
CA ILE A 98 4.22 -11.44 12.68
C ILE A 98 5.36 -11.57 13.69
N PRO A 99 5.14 -11.13 14.95
CA PRO A 99 6.21 -11.13 15.94
C PRO A 99 6.67 -12.54 16.33
N VAL A 100 7.93 -12.66 16.74
CA VAL A 100 8.49 -13.95 17.12
C VAL A 100 8.56 -14.08 18.64
N ILE A 101 7.92 -15.12 19.17
CA ILE A 101 7.87 -15.32 20.61
C ILE A 101 9.05 -16.18 21.07
N GLY A 102 10.10 -15.52 21.56
CA GLY A 102 11.29 -16.20 22.02
C GLY A 102 12.36 -15.22 22.46
N PRO A 103 13.47 -15.73 23.03
CA PRO A 103 13.72 -17.16 23.24
C PRO A 103 13.04 -17.71 24.49
N ARG A 104 12.88 -19.03 24.54
CA ARG A 104 12.34 -19.70 25.72
C ARG A 104 13.43 -20.55 26.38
N LYS A 105 13.90 -20.11 27.54
CA LYS A 105 15.03 -20.76 28.20
C LYS A 105 14.58 -21.86 29.15
N ASN A 106 13.27 -22.05 29.29
CA ASN A 106 12.72 -23.00 30.23
C ASN A 106 12.31 -24.33 29.59
N ILE A 107 12.89 -24.63 28.43
CA ILE A 107 12.59 -25.88 27.74
C ILE A 107 13.40 -27.02 28.37
N LYS A 108 12.71 -28.05 28.84
CA LYS A 108 13.37 -29.19 29.46
C LYS A 108 13.87 -30.17 28.41
N LYS A 109 15.17 -30.45 28.44
CA LYS A 109 15.80 -31.26 27.42
C LYS A 109 15.57 -32.76 27.64
N GLN A 110 15.02 -33.42 26.64
CA GLN A 110 14.74 -34.85 26.71
C GLN A 110 16.00 -35.67 26.46
N GLN A 111 15.91 -36.98 26.69
CA GLN A 111 17.07 -37.86 26.48
C GLN A 111 17.16 -38.33 25.03
N CYS A 112 16.01 -38.57 24.41
CA CYS A 112 15.99 -38.96 23.01
C CYS A 112 16.32 -37.76 22.14
N GLU A 113 17.47 -37.81 21.47
CA GLU A 113 17.99 -36.65 20.74
C GLU A 113 17.96 -36.85 19.23
N ALA A 114 18.02 -35.73 18.50
CA ALA A 114 18.10 -35.75 17.06
C ALA A 114 18.95 -34.56 16.58
N ILE A 115 19.76 -34.78 15.55
CA ILE A 115 20.63 -33.73 15.05
C ILE A 115 20.34 -33.43 13.58
N VAL A 116 20.08 -32.16 13.28
CA VAL A 116 19.80 -31.72 11.93
C VAL A 116 20.98 -30.96 11.34
N GLY A 117 20.90 -30.64 10.05
CA GLY A 117 21.91 -29.82 9.42
C GLY A 117 21.83 -28.40 9.93
N ALA A 118 22.91 -27.64 9.78
CA ALA A 118 22.95 -26.26 10.23
C ALA A 118 21.87 -25.44 9.56
N GLN A 119 21.70 -25.64 8.26
CA GLN A 119 20.69 -24.93 7.48
C GLN A 119 19.28 -25.30 7.96
N CYS A 120 19.06 -26.58 8.22
CA CYS A 120 17.79 -27.06 8.75
C CYS A 120 17.51 -26.44 10.11
N GLY A 121 18.56 -26.35 10.94
CA GLY A 121 18.44 -25.72 12.24
C GLY A 121 18.03 -24.27 12.13
N ASN A 122 18.72 -23.54 11.26
CA ASN A 122 18.39 -22.14 10.99
C ASN A 122 16.95 -22.00 10.52
N ALA A 123 16.48 -22.97 9.74
CA ALA A 123 15.10 -23.00 9.29
C ALA A 123 14.13 -23.20 10.47
N VAL A 124 14.51 -24.10 11.37
CA VAL A 124 13.69 -24.41 12.53
C VAL A 124 13.55 -23.21 13.47
N LEU A 125 14.65 -22.48 13.66
CA LEU A 125 14.62 -21.27 14.47
C LEU A 125 13.69 -20.21 13.89
N ARG A 126 13.48 -20.28 12.59
CA ARG A 126 12.60 -19.34 11.89
C ARG A 126 11.17 -19.84 11.85
N GLY A 127 10.91 -20.96 12.53
CA GLY A 127 9.57 -21.47 12.67
C GLY A 127 9.20 -22.61 11.74
N ALA A 128 10.19 -23.39 11.33
CA ALA A 128 9.95 -24.53 10.45
C ALA A 128 10.06 -25.84 11.21
N HIS A 129 9.29 -26.83 10.78
CA HIS A 129 9.40 -28.18 11.32
C HIS A 129 10.60 -28.88 10.69
N VAL A 130 10.96 -30.05 11.21
CA VAL A 130 12.08 -30.80 10.67
C VAL A 130 11.59 -31.89 9.71
N TYR A 131 11.80 -31.66 8.42
CA TYR A 131 11.39 -32.63 7.41
C TYR A 131 12.52 -33.64 7.17
N ALA A 132 12.14 -34.84 6.72
CA ALA A 132 13.04 -35.98 6.63
C ALA A 132 14.44 -35.72 6.03
N PRO A 133 14.53 -34.94 4.93
CA PRO A 133 15.88 -34.73 4.38
C PRO A 133 16.81 -33.91 5.28
N GLY A 134 16.29 -33.37 6.37
CA GLY A 134 17.09 -32.54 7.25
C GLY A 134 17.84 -33.29 8.33
N ILE A 135 17.25 -34.38 8.82
CA ILE A 135 17.85 -35.16 9.89
C ILE A 135 19.12 -35.86 9.43
N VAL A 136 20.24 -35.60 10.12
CA VAL A 136 21.52 -36.21 9.77
C VAL A 136 22.02 -37.10 10.90
N SER A 137 21.26 -37.16 12.00
CA SER A 137 21.60 -38.01 13.14
C SER A 137 20.40 -38.16 14.08
N ALA A 138 20.34 -39.29 14.77
CA ALA A 138 19.25 -39.55 15.71
C ALA A 138 19.62 -40.67 16.68
N SER A 139 19.03 -40.63 17.87
CA SER A 139 19.20 -41.70 18.84
C SER A 139 18.69 -43.02 18.24
N GLN A 140 19.49 -44.07 18.35
CA GLN A 140 19.18 -45.35 17.72
C GLN A 140 17.90 -45.99 18.25
N PHE A 141 17.47 -45.54 19.42
CA PHE A 141 16.27 -46.10 20.06
C PHE A 141 15.04 -45.25 19.82
N MET A 142 15.11 -44.34 18.85
CA MET A 142 13.99 -43.45 18.55
C MET A 142 12.87 -44.17 17.81
N LYS A 143 11.66 -44.08 18.37
CA LYS A 143 10.48 -44.58 17.69
C LYS A 143 9.60 -43.41 17.24
N ALA A 144 8.69 -43.67 16.31
CA ALA A 144 7.78 -42.64 15.84
C ALA A 144 6.79 -42.27 16.94
N GLY A 145 6.88 -41.04 17.43
CA GLY A 145 5.99 -40.58 18.48
C GLY A 145 6.75 -40.12 19.71
N ASP A 146 8.04 -40.42 19.77
CA ASP A 146 8.87 -40.03 20.90
C ASP A 146 9.09 -38.52 20.93
N VAL A 147 8.86 -37.92 22.10
CA VAL A 147 9.15 -36.51 22.29
C VAL A 147 10.66 -36.32 22.34
N ILE A 148 11.23 -35.81 21.25
CA ILE A 148 12.68 -35.71 21.12
C ILE A 148 13.17 -34.28 21.16
N SER A 149 14.46 -34.10 21.46
CA SER A 149 15.07 -32.78 21.50
C SER A 149 15.95 -32.58 20.27
N VAL A 150 15.61 -31.57 19.46
CA VAL A 150 16.34 -31.30 18.23
C VAL A 150 17.54 -30.40 18.47
N TYR A 151 18.70 -30.83 17.98
CA TYR A 151 19.92 -30.04 18.11
C TYR A 151 20.46 -29.68 16.71
N SER A 152 21.09 -28.52 16.60
CA SER A 152 21.60 -28.06 15.32
C SER A 152 23.12 -28.24 15.21
N ASP A 153 23.54 -29.06 14.25
CA ASP A 153 24.96 -29.23 13.95
C ASP A 153 25.49 -28.00 13.22
N ILE A 154 25.76 -26.94 13.98
CA ILE A 154 26.10 -25.64 13.42
C ILE A 154 27.43 -25.67 12.65
N LYS A 155 28.31 -26.60 13.01
CA LYS A 155 29.60 -26.70 12.37
C LYS A 155 29.51 -27.56 11.10
N GLY A 156 28.46 -28.37 11.02
CA GLY A 156 28.30 -29.28 9.90
C GLY A 156 29.38 -30.34 9.91
N LYS A 157 29.60 -30.94 11.08
CA LYS A 157 30.66 -31.91 11.26
C LYS A 157 30.12 -33.31 11.58
N CYS A 158 28.81 -33.43 11.72
CA CYS A 158 28.21 -34.73 12.00
C CYS A 158 28.08 -35.56 10.74
N LYS A 159 28.78 -36.68 10.70
CA LYS A 159 28.69 -37.60 9.57
C LYS A 159 27.36 -38.35 9.63
N LYS A 160 26.61 -38.30 8.52
CA LYS A 160 25.23 -38.76 8.47
C LYS A 160 25.04 -40.21 8.93
N GLY A 161 24.05 -40.41 9.80
CA GLY A 161 23.72 -41.74 10.27
C GLY A 161 24.30 -42.08 11.64
N ALA A 162 25.20 -41.22 12.11
CA ALA A 162 25.90 -41.44 13.37
C ALA A 162 24.93 -41.60 14.54
N LYS A 163 25.33 -42.37 15.54
CA LYS A 163 24.51 -42.62 16.72
C LYS A 163 24.97 -41.76 17.89
N GLU A 164 26.12 -41.11 17.73
CA GLU A 164 26.65 -40.22 18.76
C GLU A 164 27.40 -39.05 18.11
N PHE A 165 27.47 -37.94 18.82
CA PHE A 165 28.13 -36.74 18.29
C PHE A 165 28.77 -35.94 19.40
N ASP A 166 30.09 -35.81 19.34
CA ASP A 166 30.85 -35.09 20.36
C ASP A 166 31.12 -33.65 19.95
N GLY A 167 30.65 -33.28 18.77
CA GLY A 167 30.87 -31.94 18.24
C GLY A 167 29.97 -30.88 18.85
N THR A 168 29.87 -29.75 18.17
CA THR A 168 29.09 -28.62 18.69
C THR A 168 27.62 -28.71 18.33
N LYS A 169 26.78 -28.81 19.35
CA LYS A 169 25.33 -28.84 19.15
C LYS A 169 24.68 -27.58 19.72
N VAL A 170 23.54 -27.21 19.16
CA VAL A 170 22.77 -26.09 19.68
C VAL A 170 21.30 -26.46 19.81
N PHE A 171 20.78 -26.36 21.03
CA PHE A 171 19.41 -26.75 21.32
C PHE A 171 18.41 -25.86 20.60
N LEU A 172 17.53 -26.47 19.82
CA LEU A 172 16.54 -25.74 19.04
C LEU A 172 15.16 -25.84 19.67
N GLY A 173 14.97 -26.89 20.47
CA GLY A 173 13.69 -27.12 21.11
C GLY A 173 13.27 -28.58 21.06
N ASN A 174 12.03 -28.86 21.44
CA ASN A 174 11.53 -30.23 21.45
C ASN A 174 10.41 -30.42 20.43
N GLY A 175 10.26 -31.66 19.97
CA GLY A 175 9.23 -31.97 18.99
C GLY A 175 8.86 -33.44 18.94
N ILE A 176 7.66 -33.73 18.44
CA ILE A 176 7.20 -35.10 18.31
C ILE A 176 7.68 -35.71 17.00
N SER A 177 8.48 -36.77 17.09
CA SER A 177 9.00 -37.45 15.92
C SER A 177 7.90 -38.25 15.24
N GLU A 178 8.00 -38.40 13.92
CA GLU A 178 7.03 -39.17 13.16
C GLU A 178 7.71 -40.29 12.39
N LEU A 179 9.01 -40.44 12.62
CA LEU A 179 9.79 -41.51 12.00
C LEU A 179 10.76 -42.12 13.01
N SER A 180 11.03 -43.40 12.89
CA SER A 180 12.06 -44.04 13.69
C SER A 180 13.41 -43.83 13.01
N ARG A 181 14.50 -44.09 13.73
CA ARG A 181 15.83 -43.94 13.14
C ARG A 181 16.04 -44.96 12.05
N LYS A 182 15.37 -46.11 12.19
CA LYS A 182 15.41 -47.15 11.18
C LYS A 182 14.85 -46.61 9.87
N GLU A 183 13.58 -46.20 9.88
CA GLU A 183 12.90 -45.68 8.70
C GLU A 183 13.71 -44.62 7.96
N ILE A 184 14.53 -43.89 8.69
CA ILE A 184 15.33 -42.82 8.11
C ILE A 184 16.64 -43.33 7.53
N PHE A 185 17.36 -44.15 8.29
CA PHE A 185 18.71 -44.54 7.90
C PHE A 185 18.85 -45.99 7.44
N SER A 186 17.77 -46.76 7.45
CA SER A 186 17.80 -48.13 6.93
C SER A 186 17.70 -48.13 5.41
N GLY A 187 18.64 -48.79 4.76
CA GLY A 187 18.69 -48.79 3.30
C GLY A 187 19.03 -47.40 2.79
N LEU A 188 18.40 -46.99 1.71
CA LEU A 188 18.60 -45.64 1.20
C LEU A 188 17.34 -45.06 0.54
N PRO A 189 16.21 -44.97 1.28
CA PRO A 189 15.07 -44.33 0.66
C PRO A 189 15.16 -42.82 0.76
N GLU A 190 15.26 -42.14 -0.38
CA GLU A 190 15.31 -40.68 -0.40
C GLU A 190 13.94 -40.12 -0.04
N LEU A 191 13.45 -40.48 1.15
CA LEU A 191 12.08 -40.23 1.53
C LEU A 191 11.83 -38.77 1.92
N LYS A 192 10.60 -38.33 1.71
CA LYS A 192 10.19 -36.96 2.03
C LYS A 192 9.06 -36.96 3.05
N GLY A 193 8.65 -35.76 3.47
CA GLY A 193 7.56 -35.63 4.43
C GLY A 193 8.02 -35.16 5.79
N MET A 194 7.11 -35.21 6.77
CA MET A 194 7.39 -34.78 8.12
C MET A 194 8.35 -35.75 8.82
N GLY A 195 9.26 -35.19 9.62
CA GLY A 195 10.16 -35.99 10.42
C GLY A 195 10.01 -35.69 11.90
N ILE A 196 10.07 -34.41 12.24
CA ILE A 196 9.92 -33.97 13.63
C ILE A 196 8.99 -32.76 13.73
N ARG A 197 7.80 -32.96 14.30
CA ARG A 197 6.87 -31.85 14.52
C ARG A 197 7.25 -31.05 15.75
N MET A 198 7.85 -29.87 15.54
CA MET A 198 8.27 -29.01 16.63
C MET A 198 7.09 -28.57 17.49
N THR A 199 7.14 -28.91 18.78
CA THR A 199 6.06 -28.58 19.70
C THR A 199 6.50 -27.54 20.72
N GLU A 200 7.79 -27.54 21.04
CA GLU A 200 8.34 -26.54 21.95
C GLU A 200 9.66 -25.97 21.43
N PRO A 201 9.59 -25.07 20.44
CA PRO A 201 10.79 -24.45 19.89
C PRO A 201 11.32 -23.34 20.79
N VAL A 202 12.62 -23.04 20.69
CA VAL A 202 13.19 -21.93 21.42
C VAL A 202 12.56 -20.62 20.96
N TYR A 203 12.48 -20.46 19.64
CA TYR A 203 11.78 -19.33 19.05
C TYR A 203 10.49 -19.81 18.38
N LEU A 204 9.36 -19.23 18.78
CA LEU A 204 8.06 -19.67 18.28
C LEU A 204 7.59 -18.83 17.09
N SER A 205 7.68 -19.42 15.90
CA SER A 205 7.23 -18.77 14.67
C SER A 205 6.38 -19.73 13.86
N PRO A 206 5.38 -19.22 13.12
CA PRO A 206 4.45 -20.05 12.34
C PRO A 206 5.15 -20.90 11.28
N SER A 207 4.58 -22.06 10.98
CA SER A 207 5.09 -22.93 9.92
C SER A 207 4.45 -22.57 8.58
N PHE A 208 5.28 -22.19 7.62
CA PHE A 208 4.78 -21.76 6.31
C PHE A 208 5.08 -22.75 5.19
N ASP A 209 4.68 -24.00 5.38
CA ASP A 209 4.92 -25.04 4.39
C ASP A 209 3.85 -25.05 3.31
N SER A 210 2.71 -25.65 3.61
CA SER A 210 1.63 -25.80 2.64
C SER A 210 0.45 -24.88 2.94
N VAL A 211 0.73 -23.72 3.52
CA VAL A 211 -0.32 -22.76 3.86
C VAL A 211 -0.39 -21.62 2.84
N LEU A 212 -1.54 -21.50 2.20
CA LEU A 212 -1.81 -20.47 1.19
C LEU A 212 -0.65 -20.27 0.20
N PRO A 213 -0.28 -21.34 -0.54
CA PRO A 213 0.90 -21.28 -1.41
C PRO A 213 0.75 -20.28 -2.55
N ARG A 214 -0.49 -19.99 -2.93
CA ARG A 214 -0.78 -19.11 -4.04
C ARG A 214 -0.84 -17.65 -3.60
N TYR A 215 -1.00 -17.43 -2.30
CA TYR A 215 -1.22 -16.09 -1.77
C TYR A 215 0.00 -15.55 -1.04
N LEU A 216 0.82 -16.43 -0.48
CA LEU A 216 1.95 -16.03 0.34
C LEU A 216 3.28 -16.12 -0.39
N PHE A 217 4.30 -15.51 0.20
CA PHE A 217 5.69 -15.78 -0.14
C PHE A 217 6.56 -15.32 1.01
N LEU A 218 7.13 -16.27 1.74
CA LEU A 218 8.01 -15.97 2.86
C LEU A 218 9.24 -15.26 2.33
N GLN A 219 9.43 -14.02 2.78
CA GLN A 219 10.48 -13.17 2.24
C GLN A 219 10.95 -12.16 3.27
N ASN A 220 12.26 -12.06 3.44
CA ASN A 220 12.84 -11.09 4.36
C ASN A 220 12.45 -9.66 3.97
N LEU A 221 12.27 -8.80 4.97
CA LEU A 221 11.77 -7.44 4.75
C LEU A 221 12.57 -6.62 3.73
N PRO A 222 13.92 -6.62 3.83
CA PRO A 222 14.66 -5.86 2.82
C PRO A 222 14.52 -6.45 1.42
N SER A 223 14.44 -7.77 1.31
CA SER A 223 14.23 -8.43 0.04
C SER A 223 12.93 -7.99 -0.61
N ALA A 224 11.89 -7.87 0.21
CA ALA A 224 10.60 -7.38 -0.28
C ALA A 224 10.70 -5.90 -0.60
N LEU A 225 11.61 -5.21 0.08
CA LEU A 225 11.82 -3.78 -0.14
C LEU A 225 12.46 -3.51 -1.49
N VAL A 226 13.37 -4.37 -1.91
CA VAL A 226 14.12 -4.18 -3.15
C VAL A 226 13.22 -3.95 -4.36
N SER A 227 12.22 -4.81 -4.53
CA SER A 227 11.31 -4.72 -5.66
C SER A 227 10.52 -3.42 -5.64
N HIS A 228 10.27 -2.91 -4.44
CA HIS A 228 9.62 -1.62 -4.28
C HIS A 228 10.54 -0.49 -4.69
N VAL A 229 11.81 -0.61 -4.30
CA VAL A 229 12.82 0.40 -4.61
C VAL A 229 13.05 0.50 -6.12
N LEU A 230 13.07 -0.65 -6.79
CA LEU A 230 13.22 -0.68 -8.24
C LEU A 230 12.08 0.07 -8.92
N ASN A 231 10.89 -0.01 -8.32
CA ASN A 231 9.71 0.68 -8.80
C ASN A 231 9.36 0.37 -10.26
N PRO A 232 8.98 -0.89 -10.54
CA PRO A 232 8.63 -1.24 -11.93
C PRO A 232 7.22 -0.77 -12.29
N GLN A 233 7.09 -0.15 -13.46
CA GLN A 233 5.80 0.29 -13.95
C GLN A 233 5.20 -0.77 -14.88
N PRO A 234 3.86 -0.88 -14.89
CA PRO A 234 3.18 -1.85 -15.76
C PRO A 234 3.47 -1.59 -17.23
N GLY A 235 3.96 -2.59 -17.95
CA GLY A 235 4.22 -2.46 -19.36
C GLY A 235 5.69 -2.31 -19.72
N GLU A 236 6.54 -2.16 -18.70
CA GLU A 236 7.97 -1.99 -18.91
C GLU A 236 8.68 -3.32 -19.16
N LYS A 237 9.97 -3.24 -19.48
CA LYS A 237 10.78 -4.44 -19.63
C LYS A 237 11.81 -4.51 -18.51
N ILE A 238 11.65 -5.49 -17.64
CA ILE A 238 12.54 -5.65 -16.49
C ILE A 238 13.37 -6.92 -16.64
N LEU A 239 14.59 -6.90 -16.10
CA LEU A 239 15.45 -8.08 -16.10
C LEU A 239 16.29 -8.16 -14.84
N ASP A 240 16.14 -9.25 -14.10
CA ASP A 240 17.06 -9.53 -12.99
C ASP A 240 17.99 -10.68 -13.35
N LEU A 241 19.28 -10.36 -13.48
CA LEU A 241 20.28 -11.32 -13.93
C LEU A 241 20.36 -12.56 -13.06
N CYS A 242 20.37 -12.35 -11.74
CA CYS A 242 20.39 -13.46 -10.78
C CYS A 242 19.06 -13.51 -10.05
N ALA A 243 18.21 -14.47 -10.42
CA ALA A 243 16.80 -14.41 -10.06
C ALA A 243 16.31 -15.51 -9.12
N ALA A 244 16.77 -16.74 -9.35
CA ALA A 244 16.26 -17.91 -8.63
C ALA A 244 16.38 -17.80 -7.12
N PRO A 245 15.38 -18.31 -6.38
CA PRO A 245 14.20 -19.02 -6.88
C PRO A 245 13.08 -18.10 -7.37
N GLY A 246 13.35 -16.80 -7.47
CA GLY A 246 12.41 -15.88 -8.07
C GLY A 246 11.46 -15.19 -7.11
N GLY A 247 11.96 -14.80 -5.94
CA GLY A 247 11.16 -14.06 -4.99
C GLY A 247 10.94 -12.65 -5.48
N LYS A 248 12.04 -11.93 -5.68
CA LYS A 248 12.00 -10.56 -6.18
C LYS A 248 11.46 -10.52 -7.61
N THR A 249 11.64 -11.60 -8.36
CA THR A 249 11.12 -11.70 -9.72
C THR A 249 9.60 -11.68 -9.72
N THR A 250 9.00 -12.63 -8.99
CA THR A 250 7.55 -12.70 -8.86
C THR A 250 6.99 -11.44 -8.22
N HIS A 251 7.77 -10.84 -7.31
CA HIS A 251 7.34 -9.59 -6.69
C HIS A 251 7.26 -8.48 -7.74
N ILE A 252 8.30 -8.35 -8.54
CA ILE A 252 8.32 -7.38 -9.64
C ILE A 252 7.13 -7.60 -10.57
N ALA A 253 6.87 -8.86 -10.90
CA ALA A 253 5.75 -9.20 -11.78
C ALA A 253 4.41 -8.80 -11.16
N ALA A 254 4.31 -8.95 -9.83
CA ALA A 254 3.08 -8.62 -9.13
C ALA A 254 2.89 -7.11 -9.03
N LEU A 255 3.99 -6.38 -8.95
CA LEU A 255 3.93 -4.92 -8.84
C LEU A 255 3.52 -4.29 -10.17
N MET A 256 3.73 -5.03 -11.25
CA MET A 256 3.38 -4.55 -12.59
C MET A 256 1.99 -5.01 -13.00
N HIS A 257 1.27 -5.61 -12.07
CA HIS A 257 -0.04 -6.22 -12.33
C HIS A 257 0.05 -7.26 -13.44
N ASP A 258 1.21 -7.90 -13.54
CA ASP A 258 1.48 -8.92 -14.57
C ASP A 258 1.31 -8.36 -15.97
N GLN A 259 1.44 -7.04 -16.11
CA GLN A 259 1.33 -6.38 -17.40
C GLN A 259 2.68 -5.84 -17.84
N GLY A 260 3.37 -6.58 -18.71
CA GLY A 260 4.68 -6.17 -19.18
C GLY A 260 5.55 -7.35 -19.57
N GLU A 261 6.84 -7.28 -19.26
CA GLU A 261 7.77 -8.36 -19.59
C GLU A 261 8.89 -8.45 -18.57
N VAL A 262 8.93 -9.55 -17.83
CA VAL A 262 9.95 -9.77 -16.82
C VAL A 262 10.84 -10.96 -17.19
N ILE A 263 12.07 -10.68 -17.58
CA ILE A 263 13.00 -11.72 -17.97
C ILE A 263 13.94 -12.07 -16.82
N ALA A 264 13.86 -13.33 -16.37
CA ALA A 264 14.69 -13.77 -15.25
C ALA A 264 15.74 -14.76 -15.74
N LEU A 265 16.99 -14.53 -15.35
CA LEU A 265 18.08 -15.42 -15.75
C LEU A 265 18.64 -16.16 -14.54
N ASP A 266 19.26 -17.31 -14.77
CA ASP A 266 20.02 -17.99 -13.72
C ASP A 266 21.00 -19.01 -14.31
N LYS A 267 22.05 -19.31 -13.56
CA LYS A 267 23.12 -20.17 -14.05
C LYS A 267 22.79 -21.66 -13.91
N ILE A 268 22.13 -22.00 -12.80
CA ILE A 268 21.78 -23.40 -12.52
C ILE A 268 20.38 -23.73 -13.01
N PHE A 269 20.26 -24.87 -13.69
CA PHE A 269 19.02 -25.31 -14.33
C PHE A 269 17.85 -25.48 -13.35
N ASN A 270 18.05 -26.35 -12.36
CA ASN A 270 17.03 -26.65 -11.36
C ASN A 270 16.45 -25.39 -10.73
N LYS A 271 17.33 -24.42 -10.49
CA LYS A 271 16.94 -23.13 -9.93
C LYS A 271 15.99 -22.38 -10.85
N VAL A 272 16.30 -22.37 -12.14
CA VAL A 272 15.41 -21.78 -13.15
C VAL A 272 14.07 -22.47 -13.13
N GLU A 273 14.09 -23.79 -13.04
CA GLU A 273 12.86 -24.56 -12.94
C GLU A 273 12.06 -24.14 -11.70
N LYS A 274 12.77 -23.80 -10.62
CA LYS A 274 12.10 -23.32 -9.42
C LYS A 274 11.46 -21.95 -9.66
N ILE A 275 12.14 -21.10 -10.43
CA ILE A 275 11.57 -19.82 -10.84
C ILE A 275 10.24 -20.04 -11.56
N LYS A 276 10.28 -20.90 -12.59
CA LYS A 276 9.09 -21.20 -13.38
C LYS A 276 7.96 -21.77 -12.53
N GLN A 277 8.30 -22.68 -11.62
CA GLN A 277 7.32 -23.27 -10.72
C GLN A 277 6.67 -22.21 -9.84
N ASN A 278 7.47 -21.29 -9.31
CA ASN A 278 6.95 -20.19 -8.51
C ASN A 278 6.02 -19.28 -9.30
N ALA A 279 6.46 -18.86 -10.49
CA ALA A 279 5.68 -17.98 -11.34
C ALA A 279 4.35 -18.60 -11.72
N LEU A 280 4.38 -19.88 -12.06
CA LEU A 280 3.16 -20.60 -12.43
C LEU A 280 2.26 -20.77 -11.21
N LEU A 281 2.88 -20.91 -10.04
CA LEU A 281 2.13 -21.10 -8.80
C LEU A 281 1.35 -19.85 -8.41
N LEU A 282 2.05 -18.71 -8.39
CA LEU A 282 1.45 -17.47 -7.93
C LEU A 282 0.59 -16.78 -8.99
N GLY A 283 0.60 -17.32 -10.20
CA GLY A 283 -0.27 -16.81 -11.25
C GLY A 283 0.29 -15.67 -12.08
N LEU A 284 1.60 -15.50 -12.06
CA LEU A 284 2.23 -14.46 -12.87
C LEU A 284 2.63 -15.02 -14.24
N ASN A 285 2.22 -14.32 -15.30
CA ASN A 285 2.47 -14.78 -16.66
C ASN A 285 3.52 -13.97 -17.39
N SER A 286 3.86 -12.79 -16.86
CA SER A 286 4.85 -11.93 -17.49
C SER A 286 6.27 -12.36 -17.16
N ILE A 287 6.42 -13.49 -16.50
CA ILE A 287 7.74 -13.99 -16.11
C ILE A 287 8.24 -15.04 -17.09
N ARG A 288 9.41 -14.80 -17.66
CA ARG A 288 10.06 -15.75 -18.55
C ARG A 288 11.47 -16.04 -18.06
N ALA A 289 11.71 -17.28 -17.64
CA ALA A 289 12.98 -17.66 -17.03
C ALA A 289 13.88 -18.44 -17.99
N PHE A 290 15.18 -18.18 -17.89
CA PHE A 290 16.16 -18.84 -18.75
C PHE A 290 17.41 -19.26 -17.97
N CYS A 291 17.93 -20.44 -18.31
CA CYS A 291 19.19 -20.90 -17.75
C CYS A 291 20.34 -20.32 -18.56
N PHE A 292 21.02 -19.33 -18.01
CA PHE A 292 22.02 -18.58 -18.77
C PHE A 292 23.01 -17.86 -17.88
N ASP A 293 24.26 -17.74 -18.34
CA ASP A 293 25.30 -17.01 -17.63
C ASP A 293 25.09 -15.50 -17.78
N GLY A 294 24.83 -14.82 -16.68
CA GLY A 294 24.58 -13.40 -16.70
C GLY A 294 25.76 -12.58 -17.20
N THR A 295 26.96 -13.08 -16.98
CA THR A 295 28.17 -12.37 -17.40
C THR A 295 28.33 -12.35 -18.91
N LYS A 296 27.65 -13.28 -19.59
CA LYS A 296 27.73 -13.38 -21.04
C LYS A 296 26.37 -13.13 -21.69
N ALA A 297 25.61 -12.21 -21.10
CA ALA A 297 24.24 -11.95 -21.54
C ALA A 297 24.13 -10.80 -22.54
N VAL A 298 25.27 -10.21 -22.89
CA VAL A 298 25.27 -9.11 -23.85
C VAL A 298 25.59 -9.62 -25.26
N LYS A 299 24.71 -9.32 -26.21
CA LYS A 299 24.83 -9.79 -27.58
C LYS A 299 26.13 -9.32 -28.23
N LEU A 300 26.88 -10.26 -28.82
CA LEU A 300 28.13 -9.92 -29.48
C LEU A 300 28.20 -10.46 -30.92
N ASP A 301 27.86 -11.73 -31.10
CA ASP A 301 27.89 -12.33 -32.43
C ASP A 301 26.67 -11.94 -33.27
N MET A 302 26.44 -12.67 -34.35
CA MET A 302 25.45 -12.26 -35.34
C MET A 302 24.36 -13.29 -35.58
N VAL A 303 23.43 -13.41 -34.65
CA VAL A 303 22.27 -14.29 -34.81
C VAL A 303 20.99 -13.58 -34.39
N GLY A 308 13.83 -13.98 -29.14
CA GLY A 308 13.52 -13.34 -27.87
C GLY A 308 14.33 -13.90 -26.72
N GLU A 309 15.07 -14.97 -27.00
CA GLU A 309 15.91 -15.61 -25.99
C GLU A 309 17.22 -14.85 -25.79
N PRO A 310 17.88 -15.06 -24.63
CA PRO A 310 19.20 -14.47 -24.40
C PRO A 310 20.25 -15.03 -25.36
N PRO A 311 21.36 -14.29 -25.58
CA PRO A 311 21.68 -12.97 -25.01
C PRO A 311 20.86 -11.85 -25.63
N PHE A 312 20.88 -10.67 -25.00
CA PHE A 312 20.07 -9.55 -25.44
C PHE A 312 20.93 -8.41 -25.97
N LEU A 313 20.34 -7.61 -26.87
CA LEU A 313 21.00 -6.43 -27.39
C LEU A 313 21.24 -5.41 -26.27
N PRO A 314 22.35 -4.66 -26.35
CA PRO A 314 22.62 -3.62 -25.34
C PRO A 314 21.56 -2.53 -25.35
N GLU A 315 21.29 -1.94 -24.18
CA GLU A 315 20.26 -0.91 -24.04
C GLU A 315 18.91 -1.38 -24.56
N SER A 316 18.41 -2.49 -24.03
CA SER A 316 17.14 -3.05 -24.48
C SER A 316 16.18 -3.31 -23.34
N PHE A 317 16.61 -3.01 -22.12
CA PHE A 317 15.77 -3.21 -20.94
C PHE A 317 15.46 -1.90 -20.23
N ASP A 318 14.20 -1.75 -19.81
CA ASP A 318 13.76 -0.57 -19.09
C ASP A 318 14.36 -0.52 -17.69
N ARG A 319 14.31 -1.64 -16.98
CA ARG A 319 14.88 -1.71 -15.63
C ARG A 319 15.63 -3.01 -15.38
N ILE A 320 16.71 -2.93 -14.60
CA ILE A 320 17.53 -4.11 -14.32
C ILE A 320 17.84 -4.27 -12.84
N LEU A 321 17.58 -5.47 -12.31
CA LEU A 321 17.83 -5.78 -10.92
C LEU A 321 19.00 -6.75 -10.76
N LEU A 322 20.13 -6.24 -10.30
CA LEU A 322 21.26 -7.11 -9.98
C LEU A 322 21.22 -7.50 -8.51
N ASP A 323 20.53 -8.59 -8.20
CA ASP A 323 20.56 -9.17 -6.87
C ASP A 323 21.74 -10.14 -6.85
N ALA A 324 22.93 -9.59 -7.00
CA ALA A 324 24.18 -10.35 -7.15
C ALA A 324 24.39 -11.40 -6.07
N PRO A 325 25.04 -12.53 -6.45
CA PRO A 325 25.44 -13.54 -5.47
C PRO A 325 26.45 -12.94 -4.49
N CYS A 326 26.39 -13.34 -3.22
CA CYS A 326 27.23 -12.73 -2.20
C CYS A 326 27.67 -13.74 -1.15
N SER A 327 28.46 -13.27 -0.19
CA SER A 327 28.95 -14.13 0.88
C SER A 327 27.82 -14.62 1.78
N GLY A 328 26.79 -13.80 1.90
CA GLY A 328 25.64 -14.16 2.72
C GLY A 328 25.92 -13.98 4.21
N MET A 329 26.84 -13.09 4.53
CA MET A 329 27.24 -12.87 5.91
C MET A 329 26.15 -12.21 6.73
N GLY A 330 25.16 -11.63 6.04
CA GLY A 330 24.06 -10.97 6.72
C GLY A 330 22.95 -11.92 7.11
N GLN A 331 23.10 -13.20 6.75
CA GLN A 331 22.10 -14.22 7.05
C GLN A 331 21.87 -14.36 8.55
N ARG A 332 20.59 -14.41 8.94
CA ARG A 332 20.21 -14.65 10.32
C ARG A 332 19.08 -15.67 10.38
N PRO A 333 19.21 -16.70 11.22
CA PRO A 333 20.34 -16.88 12.14
C PRO A 333 21.50 -17.64 11.52
N ASN A 334 22.72 -17.12 11.70
CA ASN A 334 23.93 -17.78 11.21
C ASN A 334 24.91 -18.00 12.36
N MET A 335 24.77 -19.13 13.04
CA MET A 335 25.51 -19.38 14.27
C MET A 335 26.97 -19.79 14.03
N ALA A 336 27.29 -20.20 12.81
CA ALA A 336 28.65 -20.61 12.49
C ALA A 336 28.92 -20.54 10.98
N CYS A 337 30.16 -20.23 10.62
CA CYS A 337 30.56 -20.14 9.21
C CYS A 337 31.98 -20.66 9.01
N THR A 338 32.10 -21.89 8.53
CA THR A 338 33.40 -22.52 8.34
C THR A 338 33.96 -22.26 6.93
N TRP A 339 33.99 -21.00 6.54
CA TRP A 339 34.49 -20.63 5.22
C TRP A 339 35.92 -20.11 5.27
N SER A 340 36.65 -20.31 4.18
CA SER A 340 37.96 -19.70 4.02
C SER A 340 37.78 -18.24 3.66
N VAL A 341 38.77 -17.41 3.96
CA VAL A 341 38.71 -15.98 3.63
C VAL A 341 38.67 -15.80 2.11
N LYS A 342 39.42 -16.63 1.41
CA LYS A 342 39.42 -16.61 -0.06
C LYS A 342 38.01 -16.87 -0.59
N GLU A 343 37.25 -17.69 0.12
CA GLU A 343 35.89 -18.00 -0.27
C GLU A 343 34.94 -16.82 -0.04
N VAL A 344 35.15 -16.12 1.09
CA VAL A 344 34.31 -14.99 1.45
C VAL A 344 34.53 -13.80 0.51
N ALA A 345 35.78 -13.57 0.12
CA ALA A 345 36.12 -12.47 -0.76
C ALA A 345 36.15 -12.88 -2.23
N SER A 346 35.52 -14.02 -2.54
CA SER A 346 35.58 -14.57 -3.89
C SER A 346 34.45 -14.09 -4.79
N TYR A 347 33.73 -13.04 -4.36
CA TYR A 347 32.52 -12.63 -5.06
C TYR A 347 32.63 -11.30 -5.80
N GLN A 348 33.51 -10.42 -5.32
CA GLN A 348 33.66 -9.08 -5.92
C GLN A 348 33.88 -9.09 -7.44
N PRO A 349 34.79 -9.95 -7.96
CA PRO A 349 34.97 -9.97 -9.41
C PRO A 349 33.70 -10.37 -10.17
N LEU A 350 33.03 -11.42 -9.72
CA LEU A 350 31.80 -11.89 -10.35
C LEU A 350 30.72 -10.82 -10.32
N GLN A 351 30.57 -10.19 -9.17
CA GLN A 351 29.62 -9.09 -9.01
C GLN A 351 29.92 -7.95 -9.97
N ARG A 352 31.20 -7.67 -10.17
CA ARG A 352 31.61 -6.60 -11.08
C ARG A 352 31.33 -6.95 -12.54
N LYS A 353 31.57 -8.21 -12.90
CA LYS A 353 31.24 -8.69 -14.24
C LYS A 353 29.76 -8.57 -14.53
N LEU A 354 28.95 -9.13 -13.62
CA LEU A 354 27.50 -9.06 -13.73
C LEU A 354 27.04 -7.61 -13.79
N PHE A 355 27.71 -6.73 -13.05
CA PHE A 355 27.36 -5.32 -13.01
C PHE A 355 27.61 -4.67 -14.36
N THR A 356 28.78 -4.93 -14.94
CA THR A 356 29.12 -4.42 -16.26
C THR A 356 28.09 -4.88 -17.29
N ALA A 357 27.81 -6.18 -17.29
CA ALA A 357 26.82 -6.76 -18.20
C ALA A 357 25.45 -6.11 -18.01
N ALA A 358 25.14 -5.73 -16.77
CA ALA A 358 23.88 -5.07 -16.47
C ALA A 358 23.83 -3.66 -17.04
N VAL A 359 24.89 -2.89 -16.83
CA VAL A 359 24.97 -1.52 -17.32
C VAL A 359 24.89 -1.48 -18.84
N GLN A 360 25.56 -2.43 -19.49
CA GLN A 360 25.50 -2.52 -20.95
C GLN A 360 24.08 -2.81 -21.44
N LEU A 361 23.33 -3.56 -20.66
CA LEU A 361 21.98 -3.99 -21.05
C LEU A 361 20.90 -3.00 -20.62
N LEU A 362 21.29 -1.82 -20.17
CA LEU A 362 20.33 -0.87 -19.63
C LEU A 362 20.06 0.30 -20.58
N LYS A 363 18.77 0.56 -20.83
CA LYS A 363 18.35 1.72 -21.61
C LYS A 363 18.73 3.01 -20.88
N PRO A 364 18.91 4.10 -21.64
CA PRO A 364 19.10 5.42 -21.01
C PRO A 364 17.89 5.80 -20.18
N GLU A 365 18.11 6.57 -19.12
CA GLU A 365 17.05 6.94 -18.16
C GLU A 365 16.43 5.71 -17.51
N GLY A 366 17.15 4.59 -17.53
CA GLY A 366 16.68 3.37 -16.93
C GLY A 366 17.18 3.24 -15.51
N VAL A 367 16.62 2.29 -14.76
CA VAL A 367 16.99 2.13 -13.36
C VAL A 367 17.70 0.79 -13.13
N LEU A 368 18.84 0.85 -12.44
CA LEU A 368 19.60 -0.34 -12.09
C LEU A 368 19.71 -0.47 -10.58
N VAL A 369 19.09 -1.50 -10.02
CA VAL A 369 19.15 -1.70 -8.56
C VAL A 369 20.09 -2.84 -8.20
N TYR A 370 21.18 -2.50 -7.52
CA TYR A 370 22.15 -3.50 -7.07
C TYR A 370 21.94 -3.85 -5.60
N SER A 371 21.74 -5.12 -5.30
CA SER A 371 21.44 -5.51 -3.92
C SER A 371 22.14 -6.80 -3.48
N THR A 372 22.66 -6.78 -2.26
CA THR A 372 23.29 -7.96 -1.67
C THR A 372 22.70 -8.25 -0.30
N CYS A 373 22.95 -9.45 0.24
CA CYS A 373 22.54 -9.80 1.58
C CYS A 373 23.75 -9.97 2.48
N THR A 374 24.86 -9.35 2.11
CA THR A 374 26.08 -9.42 2.89
C THR A 374 26.35 -8.10 3.59
N ILE A 375 27.35 -8.08 4.47
CA ILE A 375 27.65 -6.91 5.28
C ILE A 375 29.00 -6.29 4.93
N THR A 376 29.81 -7.03 4.17
CA THR A 376 31.15 -6.60 3.81
C THR A 376 31.17 -5.31 2.99
N LEU A 377 32.23 -4.53 3.13
CA LEU A 377 32.41 -3.31 2.37
C LEU A 377 32.77 -3.61 0.91
N ALA A 378 33.58 -4.64 0.71
CA ALA A 378 34.08 -4.98 -0.62
C ALA A 378 32.98 -5.41 -1.59
N GLU A 379 31.85 -5.82 -1.05
CA GLU A 379 30.74 -6.30 -1.88
C GLU A 379 29.61 -5.28 -1.93
N ASN A 380 29.72 -4.22 -1.14
CA ASN A 380 28.67 -3.20 -1.09
C ASN A 380 29.17 -1.81 -1.52
N GLU A 381 29.49 -0.97 -0.53
CA GLU A 381 29.91 0.41 -0.79
C GLU A 381 31.06 0.52 -1.79
N GLU A 382 32.04 -0.36 -1.68
CA GLU A 382 33.17 -0.37 -2.60
C GLU A 382 32.73 -0.63 -4.03
N GLN A 383 31.73 -1.49 -4.19
CA GLN A 383 31.20 -1.80 -5.51
C GLN A 383 30.43 -0.61 -6.07
N VAL A 384 29.83 0.18 -5.17
CA VAL A 384 29.12 1.39 -5.57
C VAL A 384 30.10 2.44 -6.06
N ALA A 385 31.19 2.63 -5.31
CA ALA A 385 32.24 3.55 -5.71
C ALA A 385 32.85 3.15 -7.04
N TRP A 386 33.20 1.87 -7.15
CA TRP A 386 33.75 1.32 -8.38
C TRP A 386 32.80 1.51 -9.56
N ALA A 387 31.52 1.32 -9.31
CA ALA A 387 30.50 1.46 -10.35
C ALA A 387 30.39 2.91 -10.81
N LEU A 388 30.40 3.83 -9.86
CA LEU A 388 30.30 5.25 -10.17
C LEU A 388 31.57 5.76 -10.86
N THR A 389 32.69 5.07 -10.63
CA THR A 389 33.95 5.46 -11.27
C THR A 389 34.06 4.92 -12.69
N LYS A 390 33.94 3.61 -12.85
CA LYS A 390 34.08 2.97 -14.16
C LYS A 390 32.98 3.39 -15.12
N PHE A 391 31.75 3.48 -14.62
CA PHE A 391 30.63 3.93 -15.42
C PHE A 391 30.21 5.32 -14.99
N PRO A 392 30.56 6.34 -15.79
CA PRO A 392 30.24 7.74 -15.49
C PRO A 392 28.83 8.11 -15.92
N CYS A 393 28.19 7.25 -16.72
CA CYS A 393 26.82 7.48 -17.14
C CYS A 393 25.86 7.21 -16.00
N LEU A 394 26.22 6.24 -15.15
CA LEU A 394 25.44 5.92 -13.97
C LEU A 394 25.49 7.06 -12.96
N GLN A 395 24.43 7.20 -12.17
CA GLN A 395 24.38 8.22 -11.14
C GLN A 395 23.51 7.74 -9.99
N LEU A 396 24.05 7.79 -8.77
CA LEU A 396 23.37 7.27 -7.59
C LEU A 396 22.07 8.04 -7.32
N GLN A 397 21.00 7.30 -7.06
CA GLN A 397 19.69 7.90 -6.85
C GLN A 397 19.16 7.64 -5.45
N PRO A 398 18.36 8.58 -4.91
CA PRO A 398 17.67 8.34 -3.64
C PRO A 398 16.61 7.27 -3.81
N GLN A 399 16.19 6.64 -2.72
CA GLN A 399 15.27 5.50 -2.82
C GLN A 399 13.96 5.73 -2.08
N GLU A 400 12.92 5.02 -2.52
CA GLU A 400 11.64 4.99 -1.81
C GLU A 400 11.10 3.56 -1.84
N PRO A 401 10.71 3.03 -0.67
CA PRO A 401 10.79 3.70 0.64
C PRO A 401 12.17 3.63 1.28
N GLN A 402 12.51 4.66 2.06
CA GLN A 402 13.75 4.66 2.85
C GLN A 402 13.48 4.05 4.22
N ILE A 403 14.04 2.86 4.45
CA ILE A 403 13.77 2.12 5.68
C ILE A 403 15.05 1.80 6.46
N GLY A 404 16.04 1.23 5.78
CA GLY A 404 17.28 0.85 6.44
C GLY A 404 18.18 2.03 6.74
N GLY A 405 19.31 1.75 7.37
CA GLY A 405 20.27 2.78 7.70
C GLY A 405 21.03 3.25 6.47
N GLU A 406 21.86 4.28 6.64
CA GLU A 406 22.65 4.81 5.54
C GLU A 406 23.92 3.98 5.33
N GLY A 407 24.67 4.30 4.29
CA GLY A 407 25.86 3.54 3.94
C GLY A 407 26.95 3.60 5.00
N MET A 408 27.85 2.64 4.96
CA MET A 408 28.97 2.58 5.89
C MET A 408 30.19 3.29 5.32
N ARG A 409 30.83 4.11 6.15
CA ARG A 409 32.03 4.84 5.74
C ARG A 409 33.18 3.87 5.46
N GLY A 410 34.01 4.21 4.47
CA GLY A 410 35.17 3.40 4.16
C GLY A 410 35.47 3.27 2.68
N ALA A 411 34.46 3.48 1.85
CA ALA A 411 34.63 3.35 0.41
C ALA A 411 35.05 4.67 -0.23
N GLY A 412 35.06 5.74 0.56
CA GLY A 412 35.47 7.04 0.08
C GLY A 412 34.32 7.86 -0.48
N LEU A 413 33.10 7.39 -0.24
CA LEU A 413 31.92 8.11 -0.69
C LEU A 413 31.63 9.29 0.21
N SER A 414 30.84 10.25 -0.28
CA SER A 414 30.45 11.40 0.53
C SER A 414 29.22 11.06 1.35
N CYS A 415 28.95 11.87 2.38
CA CYS A 415 27.79 11.66 3.23
C CYS A 415 26.51 11.73 2.41
N GLU A 416 26.47 12.65 1.44
CA GLU A 416 25.34 12.77 0.54
C GLU A 416 25.14 11.49 -0.26
N GLN A 417 26.24 10.85 -0.65
CA GLN A 417 26.18 9.59 -1.37
C GLN A 417 25.74 8.45 -0.47
N LEU A 418 26.24 8.46 0.77
CA LEU A 418 25.93 7.40 1.73
C LEU A 418 24.47 7.43 2.16
N LYS A 419 23.89 8.63 2.22
CA LYS A 419 22.49 8.78 2.60
C LYS A 419 21.54 8.23 1.54
N GLN A 420 22.07 7.99 0.34
CA GLN A 420 21.25 7.48 -0.76
C GLN A 420 21.35 5.96 -0.87
N LEU A 421 22.17 5.34 -0.03
CA LEU A 421 22.27 3.89 0.04
C LEU A 421 21.38 3.36 1.14
N GLN A 422 21.01 2.08 1.06
CA GLN A 422 20.24 1.47 2.13
C GLN A 422 20.94 0.25 2.70
N ARG A 423 21.61 0.43 3.83
CA ARG A 423 22.30 -0.66 4.52
C ARG A 423 21.56 -1.06 5.79
N PHE A 424 21.16 -2.31 5.88
CA PHE A 424 20.49 -2.83 7.07
C PHE A 424 21.50 -3.39 8.04
N ASP A 425 21.44 -2.92 9.29
CA ASP A 425 22.39 -3.31 10.30
C ASP A 425 21.74 -4.17 11.38
N PRO A 426 22.21 -5.42 11.54
CA PRO A 426 21.71 -6.31 12.58
C PRO A 426 22.00 -5.77 13.98
N SER A 427 23.02 -4.93 14.10
CA SER A 427 23.41 -4.36 15.38
C SER A 427 22.77 -3.00 15.62
N ALA A 428 21.68 -2.72 14.92
CA ALA A 428 20.99 -1.43 15.05
C ALA A 428 20.32 -1.29 16.41
N VAL A 429 19.49 -2.27 16.75
CA VAL A 429 18.75 -2.25 18.02
C VAL A 429 18.99 -3.54 18.81
N PRO A 430 18.90 -3.46 20.14
CA PRO A 430 19.10 -4.63 21.01
C PRO A 430 18.14 -5.78 20.69
N LEU A 431 18.55 -7.01 21.01
CA LEU A 431 17.72 -8.18 20.75
C LEU A 431 16.53 -8.23 21.70
N PRO A 432 15.31 -8.17 21.13
CA PRO A 432 14.08 -8.21 21.92
C PRO A 432 13.67 -9.63 22.30
N ASP A 433 13.70 -9.93 23.59
CA ASP A 433 13.27 -11.25 24.07
C ASP A 433 11.77 -11.24 24.29
N THR A 434 11.02 -11.32 23.20
CA THR A 434 9.57 -11.18 23.24
C THR A 434 8.86 -12.34 23.94
N ASP A 435 7.98 -11.99 24.88
CA ASP A 435 7.03 -12.95 25.44
C ASP A 435 5.66 -12.31 25.45
N MET A 436 4.63 -13.08 25.80
CA MET A 436 3.25 -12.61 25.72
C MET A 436 3.02 -11.31 26.50
N ASP A 437 3.65 -11.20 27.66
CA ASP A 437 3.56 -10.00 28.47
C ASP A 437 4.18 -8.80 27.75
N SER A 438 5.24 -9.06 26.99
CA SER A 438 5.89 -8.02 26.20
C SER A 438 5.04 -7.67 24.99
N LEU A 439 4.33 -8.67 24.46
CA LEU A 439 3.41 -8.46 23.35
C LEU A 439 2.27 -7.53 23.74
N ARG A 440 1.64 -7.82 24.87
CA ARG A 440 0.47 -7.08 25.32
C ARG A 440 0.78 -5.60 25.56
N GLU A 441 1.91 -5.33 26.22
CA GLU A 441 2.27 -3.96 26.56
C GLU A 441 3.26 -3.37 25.57
N ALA A 442 2.99 -3.56 24.28
CA ALA A 442 3.90 -3.07 23.23
C ALA A 442 3.22 -2.04 22.33
N ARG A 443 3.81 -0.85 22.28
CA ARG A 443 3.37 0.19 21.37
C ARG A 443 3.68 -0.25 19.94
N ARG A 444 2.77 0.04 19.01
CA ARG A 444 2.91 -0.43 17.63
C ARG A 444 4.12 0.17 16.93
N GLU A 445 4.39 1.45 17.21
CA GLU A 445 5.50 2.15 16.60
C GLU A 445 6.84 1.56 17.06
N ASP A 446 6.83 0.86 18.17
CA ASP A 446 8.00 0.12 18.63
C ASP A 446 8.18 -1.15 17.79
N MET A 447 7.08 -1.87 17.59
CA MET A 447 7.09 -3.10 16.81
C MET A 447 7.55 -2.86 15.37
N LEU A 448 7.06 -1.79 14.77
CA LEU A 448 7.42 -1.47 13.39
C LEU A 448 8.91 -1.17 13.24
N ARG A 449 9.44 -0.34 14.14
CA ARG A 449 10.85 -0.02 14.16
C ARG A 449 11.67 -1.28 14.40
N LEU A 450 11.14 -2.18 15.23
CA LEU A 450 11.78 -3.46 15.48
C LEU A 450 11.86 -4.29 14.21
N ALA A 451 10.79 -4.27 13.43
CA ALA A 451 10.73 -5.02 12.17
C ALA A 451 11.67 -4.42 11.13
N ASN A 452 11.84 -3.10 11.19
CA ASN A 452 12.69 -2.41 10.22
C ASN A 452 14.18 -2.50 10.57
N LYS A 453 14.50 -2.62 11.86
CA LYS A 453 15.88 -2.60 12.30
C LYS A 453 16.45 -4.00 12.58
N ASP A 454 15.76 -4.77 13.41
CA ASP A 454 16.22 -6.12 13.73
C ASP A 454 15.93 -7.06 12.56
N SER A 455 16.73 -6.94 11.50
CA SER A 455 16.56 -7.76 10.31
C SER A 455 17.88 -8.41 9.91
N ILE A 456 17.87 -9.10 8.78
CA ILE A 456 19.09 -9.68 8.24
C ILE A 456 19.99 -8.60 7.68
N GLY A 457 21.23 -8.97 7.36
CA GLY A 457 22.14 -8.04 6.70
C GLY A 457 21.74 -7.88 5.25
N PHE A 458 21.63 -6.63 4.81
CA PHE A 458 21.21 -6.34 3.44
C PHE A 458 21.74 -5.01 2.97
N PHE A 459 21.87 -4.85 1.65
CA PHE A 459 22.40 -3.63 1.06
C PHE A 459 21.74 -3.35 -0.29
N ILE A 460 21.18 -2.16 -0.42
CA ILE A 460 20.50 -1.74 -1.64
C ILE A 460 21.07 -0.44 -2.19
N ALA A 461 21.39 -0.43 -3.47
CA ALA A 461 21.88 0.76 -4.16
C ALA A 461 21.09 0.99 -5.44
N LYS A 462 20.79 2.27 -5.73
CA LYS A 462 19.95 2.61 -6.88
C LYS A 462 20.70 3.50 -7.87
N PHE A 463 20.66 3.11 -9.15
CA PHE A 463 21.36 3.85 -10.20
C PHE A 463 20.43 4.25 -11.33
N VAL A 464 20.77 5.37 -11.99
CA VAL A 464 20.05 5.80 -13.18
C VAL A 464 21.04 6.09 -14.31
N LYS A 465 20.64 5.81 -15.54
CA LYS A 465 21.51 6.01 -16.70
C LYS A 465 21.16 7.31 -17.41
N CYS A 466 22.10 7.83 -18.19
CA CYS A 466 21.90 9.08 -18.89
C CYS A 466 21.82 8.87 -20.41
N SER B 2 -14.58 29.51 9.17
CA SER B 2 -13.41 30.35 9.02
C SER B 2 -13.72 31.64 8.27
N ILE B 3 -14.03 31.51 6.98
CA ILE B 3 -14.21 32.68 6.13
C ILE B 3 -15.64 32.81 5.58
N PHE B 4 -16.28 31.66 5.31
CA PHE B 4 -17.60 31.64 4.72
C PHE B 4 -18.68 31.49 5.78
N PRO B 5 -19.89 32.02 5.51
CA PRO B 5 -21.01 31.79 6.42
C PRO B 5 -21.53 30.36 6.31
N LYS B 6 -22.40 29.95 7.23
CA LYS B 6 -22.98 28.61 7.20
C LYS B 6 -23.76 28.37 5.91
N ILE B 7 -23.92 27.09 5.55
CA ILE B 7 -24.67 26.73 4.36
C ILE B 7 -26.12 27.19 4.45
N SER B 8 -26.56 27.96 3.45
CA SER B 8 -27.90 28.53 3.49
C SER B 8 -28.94 27.48 3.08
N LEU B 9 -29.86 27.20 4.00
CA LEU B 9 -30.90 26.22 3.75
C LEU B 9 -32.28 26.83 3.93
N ARG B 10 -33.28 26.19 3.34
CA ARG B 10 -34.68 26.52 3.59
C ARG B 10 -34.97 26.29 5.07
N PRO B 11 -35.90 27.05 5.64
CA PRO B 11 -36.25 26.87 7.07
C PRO B 11 -36.69 25.44 7.35
N GLU B 12 -37.57 24.92 6.51
CA GLU B 12 -38.09 23.57 6.65
C GLU B 12 -36.98 22.52 6.54
N VAL B 13 -36.05 22.73 5.62
CA VAL B 13 -34.93 21.82 5.42
C VAL B 13 -34.01 21.78 6.64
N GLU B 14 -33.59 22.96 7.09
CA GLU B 14 -32.69 23.06 8.23
C GLU B 14 -33.35 22.50 9.49
N ASN B 15 -34.65 22.71 9.62
CA ASN B 15 -35.39 22.15 10.74
C ASN B 15 -35.51 20.63 10.63
N TYR B 16 -35.57 20.11 9.41
CA TYR B 16 -35.59 18.68 9.17
C TYR B 16 -34.27 18.04 9.60
N LEU B 17 -33.17 18.57 9.08
CA LEU B 17 -31.84 18.09 9.42
C LEU B 17 -31.58 18.23 10.92
N LYS B 18 -32.11 19.29 11.52
CA LYS B 18 -31.97 19.49 12.95
C LYS B 18 -32.76 18.42 13.71
N GLU B 19 -33.95 18.09 13.20
CA GLU B 19 -34.73 16.99 13.76
C GLU B 19 -33.92 15.70 13.70
N GLY B 20 -33.13 15.56 12.65
CA GLY B 20 -32.25 14.41 12.51
C GLY B 20 -31.13 14.39 13.54
N PHE B 21 -30.44 15.51 13.69
CA PHE B 21 -29.26 15.58 14.54
C PHE B 21 -29.56 15.94 15.99
N MET B 22 -30.84 16.07 16.33
CA MET B 22 -31.24 16.40 17.69
C MET B 22 -32.30 15.43 18.22
N ASN B 23 -32.28 14.20 17.71
CA ASN B 23 -33.24 13.19 18.15
C ASN B 23 -33.01 12.81 19.60
N LYS B 24 -34.00 12.10 20.18
CA LYS B 24 -34.00 11.76 21.59
C LYS B 24 -32.73 11.05 22.06
N GLU B 25 -32.22 10.13 21.25
CA GLU B 25 -31.07 9.30 21.61
C GLU B 25 -29.80 10.13 21.74
N ILE B 26 -29.49 10.91 20.71
CA ILE B 26 -28.28 11.74 20.69
C ILE B 26 -28.29 12.75 21.84
N VAL B 27 -29.43 13.40 22.05
CA VAL B 27 -29.57 14.35 23.15
C VAL B 27 -29.41 13.65 24.49
N THR B 28 -29.93 12.43 24.57
CA THR B 28 -29.79 11.62 25.79
C THR B 28 -28.32 11.29 26.05
N ALA B 29 -27.53 11.21 24.97
CA ALA B 29 -26.12 10.84 25.10
C ALA B 29 -25.17 12.03 25.20
N LEU B 30 -25.68 13.24 24.90
CA LEU B 30 -24.81 14.41 24.79
C LEU B 30 -25.37 15.66 25.47
N GLY B 31 -26.69 15.72 25.61
CA GLY B 31 -27.34 16.92 26.10
C GLY B 31 -27.68 17.84 24.95
N LYS B 32 -28.74 18.62 25.10
CA LYS B 32 -29.26 19.47 24.03
C LYS B 32 -28.21 20.45 23.50
N GLN B 33 -27.54 21.15 24.43
CA GLN B 33 -26.57 22.17 24.08
C GLN B 33 -25.41 21.64 23.24
N GLU B 34 -24.83 20.52 23.65
CA GLU B 34 -23.67 19.95 22.95
C GLU B 34 -24.05 19.42 21.57
N ALA B 35 -25.16 18.71 21.47
CA ALA B 35 -25.63 18.19 20.19
C ALA B 35 -25.93 19.33 19.24
N GLU B 36 -26.55 20.39 19.76
CA GLU B 36 -26.88 21.56 18.95
C GLU B 36 -25.61 22.25 18.46
N ARG B 37 -24.62 22.37 19.35
CA ARG B 37 -23.32 22.93 18.99
C ARG B 37 -22.69 22.13 17.87
N LYS B 38 -22.76 20.81 17.99
CA LYS B 38 -22.25 19.90 16.98
C LYS B 38 -22.93 20.13 15.62
N PHE B 39 -24.25 20.27 15.65
CA PHE B 39 -25.03 20.49 14.44
C PHE B 39 -24.68 21.80 13.75
N GLU B 40 -24.63 22.87 14.53
CA GLU B 40 -24.30 24.19 14.00
C GLU B 40 -22.87 24.22 13.45
N THR B 41 -21.98 23.49 14.12
CA THR B 41 -20.61 23.36 13.65
C THR B 41 -20.58 22.64 12.30
N LEU B 42 -21.42 21.62 12.17
CA LEU B 42 -21.57 20.89 10.92
C LEU B 42 -22.03 21.82 9.80
N LEU B 43 -23.04 22.63 10.08
CA LEU B 43 -23.54 23.58 9.09
C LEU B 43 -22.51 24.64 8.76
N LYS B 44 -21.63 24.95 9.71
CA LYS B 44 -20.59 25.94 9.50
C LYS B 44 -19.42 25.37 8.70
N HIS B 45 -19.27 24.04 8.74
CA HIS B 45 -18.16 23.38 8.06
C HIS B 45 -18.51 22.95 6.63
N LEU B 46 -19.79 22.78 6.35
CA LEU B 46 -20.23 22.31 5.03
C LEU B 46 -20.00 23.34 3.93
N SER B 47 -19.77 24.59 4.32
CA SER B 47 -19.57 25.67 3.36
C SER B 47 -18.13 25.76 2.90
N HIS B 48 -17.23 25.07 3.61
CA HIS B 48 -15.81 25.17 3.33
C HIS B 48 -15.27 23.90 2.69
N PRO B 49 -14.33 24.06 1.73
CA PRO B 49 -13.70 22.92 1.03
C PRO B 49 -12.89 22.05 1.98
N PRO B 50 -12.71 20.77 1.65
CA PRO B 50 -11.80 19.92 2.41
C PRO B 50 -10.38 20.47 2.37
N SER B 51 -9.64 20.35 3.46
CA SER B 51 -8.29 20.92 3.52
C SER B 51 -7.26 20.04 2.83
N PHE B 52 -7.73 19.07 2.05
CA PHE B 52 -6.84 18.16 1.35
C PHE B 52 -7.39 17.73 0.00
N THR B 53 -6.56 17.90 -1.04
CA THR B 53 -6.83 17.36 -2.35
C THR B 53 -6.40 15.90 -2.37
N THR B 54 -7.35 15.00 -2.64
CA THR B 54 -7.06 13.57 -2.62
C THR B 54 -7.03 13.00 -4.03
N VAL B 55 -5.88 12.50 -4.45
CA VAL B 55 -5.71 11.98 -5.80
C VAL B 55 -5.47 10.47 -5.80
N ARG B 56 -6.38 9.72 -6.42
CA ARG B 56 -6.20 8.28 -6.53
C ARG B 56 -5.26 7.95 -7.68
N VAL B 57 -4.29 7.07 -7.41
CA VAL B 57 -3.34 6.64 -8.42
C VAL B 57 -3.84 5.39 -9.13
N ASN B 58 -3.86 5.43 -10.46
CA ASN B 58 -4.23 4.27 -11.27
C ASN B 58 -3.09 3.26 -11.27
N THR B 59 -3.09 2.38 -10.26
CA THR B 59 -1.99 1.44 -10.06
C THR B 59 -1.86 0.39 -11.16
N HIS B 60 -2.72 0.46 -12.17
CA HIS B 60 -2.67 -0.51 -13.26
C HIS B 60 -1.89 0.02 -14.47
N LEU B 61 -1.54 1.31 -14.44
CA LEU B 61 -0.75 1.89 -15.52
C LEU B 61 0.51 2.55 -14.97
N ALA B 62 0.43 3.05 -13.75
CA ALA B 62 1.57 3.69 -13.10
C ALA B 62 1.56 3.42 -11.60
N SER B 63 2.74 3.46 -10.98
CA SER B 63 2.82 3.24 -9.53
C SER B 63 2.61 4.54 -8.77
N VAL B 64 2.36 4.42 -7.47
CA VAL B 64 2.11 5.56 -6.60
C VAL B 64 3.34 6.46 -6.52
N GLN B 65 4.53 5.85 -6.49
CA GLN B 65 5.79 6.58 -6.42
C GLN B 65 6.03 7.41 -7.69
N HIS B 66 5.97 6.75 -8.84
CA HIS B 66 6.16 7.40 -10.14
C HIS B 66 5.20 8.58 -10.32
N VAL B 67 3.92 8.29 -10.13
CA VAL B 67 2.88 9.31 -10.19
C VAL B 67 3.16 10.46 -9.23
N LYS B 68 3.63 10.12 -8.03
CA LYS B 68 3.96 11.14 -7.02
C LYS B 68 5.05 12.07 -7.54
N ASN B 69 6.09 11.50 -8.13
CA ASN B 69 7.17 12.30 -8.71
C ASN B 69 6.68 13.21 -9.83
N LEU B 70 5.92 12.63 -10.76
CA LEU B 70 5.36 13.39 -11.87
C LEU B 70 4.51 14.56 -11.36
N LEU B 71 3.70 14.30 -10.34
CA LEU B 71 2.86 15.32 -9.75
C LEU B 71 3.68 16.36 -9.00
N LEU B 72 4.84 15.95 -8.49
CA LEU B 72 5.75 16.90 -7.86
C LEU B 72 6.26 17.88 -8.91
N ASP B 73 6.63 17.36 -10.07
CA ASP B 73 7.03 18.22 -11.20
C ASP B 73 5.88 19.15 -11.61
N GLU B 74 4.69 18.58 -11.70
CA GLU B 74 3.49 19.34 -12.09
C GLU B 74 3.21 20.50 -11.14
N LEU B 75 3.27 20.23 -9.84
CA LEU B 75 3.02 21.25 -8.84
C LEU B 75 4.15 22.27 -8.84
N GLN B 76 5.36 21.83 -9.19
CA GLN B 76 6.47 22.75 -9.37
C GLN B 76 6.18 23.72 -10.51
N LYS B 77 5.49 23.23 -11.53
CA LYS B 77 5.12 24.07 -12.67
C LYS B 77 3.98 25.04 -12.32
N GLN B 78 2.86 24.49 -11.88
CA GLN B 78 1.66 25.29 -11.62
C GLN B 78 1.85 26.35 -10.53
N PHE B 79 2.46 25.96 -9.42
CA PHE B 79 2.57 26.85 -8.27
C PHE B 79 3.82 27.73 -8.33
N ASN B 80 4.51 27.69 -9.47
CA ASN B 80 5.69 28.52 -9.72
C ASN B 80 6.74 28.41 -8.61
N GLY B 81 7.11 27.17 -8.29
CA GLY B 81 8.13 26.92 -7.29
C GLY B 81 7.65 27.10 -5.85
N LEU B 82 6.47 26.56 -5.55
CA LEU B 82 5.97 26.57 -4.19
C LEU B 82 6.17 25.20 -3.55
N SER B 83 6.42 25.18 -2.25
CA SER B 83 6.81 23.93 -1.57
C SER B 83 5.64 23.23 -0.88
N VAL B 84 4.65 22.81 -1.66
CA VAL B 84 3.57 21.99 -1.12
C VAL B 84 3.97 20.52 -1.17
N PRO B 85 3.77 19.80 -0.06
CA PRO B 85 4.15 18.38 0.03
C PRO B 85 3.09 17.46 -0.58
N ILE B 86 3.51 16.28 -1.00
CA ILE B 86 2.58 15.26 -1.45
C ILE B 86 2.73 14.00 -0.60
N LEU B 87 1.78 13.80 0.30
CA LEU B 87 1.82 12.68 1.24
C LEU B 87 1.23 11.42 0.63
N GLN B 88 1.50 10.28 1.26
CA GLN B 88 0.94 9.00 0.84
C GLN B 88 0.22 8.35 2.01
N HIS B 89 -1.09 8.17 1.87
CA HIS B 89 -1.91 7.60 2.94
C HIS B 89 -1.50 6.16 3.23
N PRO B 90 -1.07 5.89 4.47
CA PRO B 90 -0.52 4.59 4.88
C PRO B 90 -1.58 3.50 4.98
N ASP B 91 -2.85 3.86 4.87
CA ASP B 91 -3.94 2.89 4.91
C ASP B 91 -4.57 2.75 3.53
N LEU B 92 -4.80 3.88 2.88
CA LEU B 92 -5.21 3.88 1.48
C LEU B 92 -3.96 4.01 0.61
N GLN B 93 -3.37 2.86 0.30
CA GLN B 93 -2.02 2.78 -0.26
C GLN B 93 -1.87 3.40 -1.65
N ASP B 94 -2.98 3.67 -2.32
CA ASP B 94 -2.93 4.25 -3.66
C ASP B 94 -3.51 5.66 -3.70
N VAL B 95 -3.50 6.34 -2.57
CA VAL B 95 -4.04 7.69 -2.48
C VAL B 95 -2.99 8.71 -2.08
N LEU B 96 -2.79 9.73 -2.91
CA LEU B 96 -1.87 10.82 -2.62
C LEU B 96 -2.63 12.00 -2.02
N LEU B 97 -2.04 12.66 -1.03
CA LEU B 97 -2.68 13.77 -0.35
C LEU B 97 -1.91 15.08 -0.55
N ILE B 98 -2.60 16.10 -1.04
CA ILE B 98 -1.97 17.41 -1.26
C ILE B 98 -2.72 18.50 -0.50
N PRO B 99 -2.09 19.07 0.53
CA PRO B 99 -2.73 20.04 1.42
C PRO B 99 -3.23 21.29 0.69
N VAL B 100 -4.36 21.82 1.14
CA VAL B 100 -4.96 22.99 0.52
C VAL B 100 -4.51 24.27 1.24
N ILE B 101 -3.92 25.19 0.49
CA ILE B 101 -3.44 26.44 1.05
C ILE B 101 -4.56 27.47 1.11
N GLY B 102 -4.85 27.98 2.31
CA GLY B 102 -5.90 28.96 2.49
C GLY B 102 -6.67 28.76 3.78
N PRO B 103 -7.71 29.58 4.01
CA PRO B 103 -8.14 30.63 3.07
C PRO B 103 -7.30 31.91 3.20
N ARG B 104 -7.24 32.69 2.13
CA ARG B 104 -6.49 33.93 2.14
C ARG B 104 -7.44 35.12 2.06
N LYS B 105 -7.49 35.90 3.14
CA LYS B 105 -8.49 36.96 3.30
C LYS B 105 -7.98 38.32 2.83
N ASN B 106 -6.81 38.35 2.22
CA ASN B 106 -6.21 39.60 1.75
C ASN B 106 -6.18 39.70 0.23
N ILE B 107 -7.29 39.39 -0.40
CA ILE B 107 -7.40 39.46 -1.85
C ILE B 107 -8.14 40.73 -2.27
N LYS B 108 -7.44 41.63 -2.94
CA LYS B 108 -8.04 42.89 -3.38
C LYS B 108 -8.95 42.67 -4.59
N LYS B 109 -10.23 42.98 -4.43
CA LYS B 109 -11.21 42.78 -5.49
C LYS B 109 -11.03 43.79 -6.62
N GLN B 110 -10.99 43.29 -7.85
CA GLN B 110 -10.91 44.15 -9.03
C GLN B 110 -12.31 44.61 -9.43
N GLN B 111 -12.39 45.64 -10.28
CA GLN B 111 -13.68 46.20 -10.66
C GLN B 111 -14.32 45.47 -11.83
N CYS B 112 -13.59 44.53 -12.42
CA CYS B 112 -14.14 43.72 -13.50
C CYS B 112 -14.60 42.38 -12.93
N GLU B 113 -15.91 42.13 -12.99
CA GLU B 113 -16.49 40.96 -12.33
C GLU B 113 -16.92 39.87 -13.31
N ALA B 114 -17.03 38.65 -12.80
CA ALA B 114 -17.56 37.52 -13.55
C ALA B 114 -18.29 36.58 -12.61
N ILE B 115 -19.48 36.15 -12.99
CA ILE B 115 -20.30 35.30 -12.12
C ILE B 115 -20.47 33.91 -12.72
N VAL B 116 -20.06 32.90 -11.95
CA VAL B 116 -20.15 31.51 -12.40
C VAL B 116 -21.26 30.77 -11.68
N GLY B 117 -21.58 29.58 -12.17
CA GLY B 117 -22.60 28.76 -11.54
C GLY B 117 -22.14 28.28 -10.16
N ALA B 118 -23.08 27.77 -9.38
CA ALA B 118 -22.77 27.30 -8.03
C ALA B 118 -21.80 26.12 -8.07
N GLN B 119 -22.12 25.12 -8.88
CA GLN B 119 -21.30 23.93 -9.03
C GLN B 119 -19.90 24.29 -9.53
N CYS B 120 -19.84 25.17 -10.51
CA CYS B 120 -18.59 25.68 -11.03
C CYS B 120 -17.80 26.41 -9.95
N GLY B 121 -18.52 27.14 -9.10
CA GLY B 121 -17.90 27.85 -7.99
C GLY B 121 -17.24 26.88 -7.02
N ASN B 122 -17.99 25.83 -6.66
CA ASN B 122 -17.45 24.79 -5.80
C ASN B 122 -16.22 24.15 -6.42
N ALA B 123 -16.26 23.93 -7.73
CA ALA B 123 -15.11 23.40 -8.45
C ALA B 123 -13.91 24.33 -8.33
N VAL B 124 -14.14 25.62 -8.49
CA VAL B 124 -13.09 26.63 -8.38
C VAL B 124 -12.46 26.62 -7.00
N LEU B 125 -13.29 26.49 -5.98
CA LEU B 125 -12.79 26.41 -4.60
C LEU B 125 -11.95 25.14 -4.39
N ARG B 126 -12.17 24.13 -5.22
CA ARG B 126 -11.43 22.88 -5.13
C ARG B 126 -10.15 22.94 -5.95
N GLY B 127 -9.90 24.08 -6.59
CA GLY B 127 -8.67 24.28 -7.33
C GLY B 127 -8.82 24.29 -8.83
N ALA B 128 -10.06 24.19 -9.31
CA ALA B 128 -10.33 24.17 -10.75
C ALA B 128 -10.31 25.57 -11.33
N HIS B 129 -10.05 25.65 -12.64
CA HIS B 129 -10.15 26.92 -13.35
C HIS B 129 -11.58 27.09 -13.87
N VAL B 130 -11.89 28.29 -14.37
CA VAL B 130 -13.22 28.55 -14.89
C VAL B 130 -13.26 28.40 -16.41
N TYR B 131 -13.81 27.29 -16.88
CA TYR B 131 -13.91 27.05 -18.32
C TYR B 131 -15.23 27.65 -18.82
N ALA B 132 -15.30 27.88 -20.13
CA ALA B 132 -16.37 28.65 -20.75
C ALA B 132 -17.82 28.31 -20.33
N PRO B 133 -18.19 27.01 -20.29
CA PRO B 133 -19.60 26.73 -20.00
C PRO B 133 -20.02 27.04 -18.55
N GLY B 134 -19.11 27.57 -17.74
CA GLY B 134 -19.41 27.84 -16.35
C GLY B 134 -19.82 29.28 -16.07
N ILE B 135 -19.51 30.18 -17.00
CA ILE B 135 -19.82 31.60 -16.81
C ILE B 135 -21.27 31.92 -17.19
N VAL B 136 -22.00 32.52 -16.25
CA VAL B 136 -23.39 32.88 -16.51
C VAL B 136 -23.57 34.40 -16.53
N SER B 137 -22.53 35.12 -16.12
CA SER B 137 -22.56 36.58 -16.10
C SER B 137 -21.16 37.17 -16.08
N ALA B 138 -21.03 38.37 -16.61
CA ALA B 138 -19.75 39.08 -16.65
C ALA B 138 -19.96 40.56 -16.94
N SER B 139 -19.04 41.39 -16.48
CA SER B 139 -19.08 42.82 -16.79
C SER B 139 -19.00 43.01 -18.30
N GLN B 140 -19.83 43.92 -18.82
CA GLN B 140 -19.97 44.11 -20.26
C GLN B 140 -18.70 44.61 -20.93
N PHE B 141 -17.79 45.16 -20.14
CA PHE B 141 -16.57 45.74 -20.69
C PHE B 141 -15.36 44.85 -20.49
N MET B 142 -15.60 43.56 -20.26
CA MET B 142 -14.51 42.60 -20.08
C MET B 142 -13.88 42.20 -21.42
N LYS B 143 -12.57 42.36 -21.51
CA LYS B 143 -11.83 41.91 -22.69
C LYS B 143 -10.77 40.89 -22.27
N ALA B 144 -10.42 40.00 -23.20
CA ALA B 144 -9.48 38.92 -22.91
C ALA B 144 -8.12 39.45 -22.44
N GLY B 145 -7.80 39.20 -21.18
CA GLY B 145 -6.56 39.67 -20.59
C GLY B 145 -6.78 40.46 -19.33
N ASP B 146 -8.05 40.81 -19.07
CA ASP B 146 -8.41 41.58 -17.88
C ASP B 146 -8.19 40.79 -16.60
N VAL B 147 -7.66 41.47 -15.58
CA VAL B 147 -7.56 40.88 -14.25
C VAL B 147 -8.92 41.00 -13.57
N ILE B 148 -9.66 39.90 -13.53
CA ILE B 148 -11.04 39.95 -13.04
C ILE B 148 -11.24 39.19 -11.73
N SER B 149 -12.31 39.54 -11.02
CA SER B 149 -12.67 38.88 -9.78
C SER B 149 -13.85 37.96 -10.00
N VAL B 150 -13.67 36.67 -9.72
CA VAL B 150 -14.71 35.68 -9.96
C VAL B 150 -15.64 35.54 -8.75
N TYR B 151 -16.94 35.53 -9.01
CA TYR B 151 -17.94 35.38 -7.96
C TYR B 151 -18.81 34.15 -8.21
N SER B 152 -19.29 33.53 -7.13
CA SER B 152 -20.14 32.36 -7.23
C SER B 152 -21.61 32.72 -6.97
N ASP B 153 -22.49 32.21 -7.82
CA ASP B 153 -23.92 32.39 -7.65
C ASP B 153 -24.50 31.20 -6.90
N ILE B 154 -24.39 31.22 -5.57
CA ILE B 154 -24.72 30.07 -4.73
C ILE B 154 -26.21 29.74 -4.76
N LYS B 155 -27.05 30.73 -5.02
CA LYS B 155 -28.49 30.53 -5.03
C LYS B 155 -28.96 29.98 -6.37
N GLY B 156 -28.21 30.30 -7.43
CA GLY B 156 -28.59 29.90 -8.77
C GLY B 156 -29.70 30.80 -9.30
N LYS B 157 -29.77 32.01 -8.76
CA LYS B 157 -30.82 32.96 -9.11
C LYS B 157 -30.36 34.01 -10.10
N CYS B 158 -29.29 33.72 -10.84
CA CYS B 158 -28.80 34.63 -11.87
C CYS B 158 -29.17 34.13 -13.25
N LYS B 159 -29.70 35.02 -14.08
CA LYS B 159 -30.08 34.67 -15.45
C LYS B 159 -28.92 34.93 -16.40
N LYS B 160 -28.74 34.02 -17.35
CA LYS B 160 -27.58 34.04 -18.25
C LYS B 160 -27.52 35.31 -19.10
N GLY B 161 -26.34 35.90 -19.21
CA GLY B 161 -26.15 37.08 -20.03
C GLY B 161 -26.25 38.38 -19.25
N ALA B 162 -26.76 38.30 -18.03
CA ALA B 162 -26.98 39.48 -17.19
C ALA B 162 -25.72 40.33 -17.04
N LYS B 163 -25.89 41.65 -17.15
CA LYS B 163 -24.77 42.57 -17.05
C LYS B 163 -24.60 43.10 -15.64
N GLU B 164 -25.54 42.75 -14.77
CA GLU B 164 -25.45 43.08 -13.35
C GLU B 164 -26.29 42.10 -12.53
N PHE B 165 -25.97 41.98 -11.24
CA PHE B 165 -26.64 41.01 -10.39
C PHE B 165 -26.63 41.46 -8.93
N ASP B 166 -27.82 41.67 -8.38
CA ASP B 166 -27.96 42.18 -7.02
C ASP B 166 -28.13 41.07 -6.00
N GLY B 167 -28.18 39.83 -6.47
CA GLY B 167 -28.38 38.67 -5.61
C GLY B 167 -27.19 38.37 -4.73
N THR B 168 -27.10 37.13 -4.26
CA THR B 168 -26.05 36.73 -3.35
C THR B 168 -24.84 36.17 -4.10
N LYS B 169 -23.72 36.88 -4.02
CA LYS B 169 -22.47 36.46 -4.65
C LYS B 169 -21.45 36.12 -3.59
N VAL B 170 -20.55 35.18 -3.89
CA VAL B 170 -19.46 34.84 -2.99
C VAL B 170 -18.13 34.93 -3.73
N PHE B 171 -17.21 35.71 -3.17
CA PHE B 171 -15.91 35.94 -3.79
C PHE B 171 -15.04 34.69 -3.75
N LEU B 172 -14.54 34.28 -4.92
CA LEU B 172 -13.76 33.05 -5.03
C LEU B 172 -12.29 33.33 -5.27
N GLY B 173 -11.98 34.53 -5.75
CA GLY B 173 -10.61 34.91 -6.02
C GLY B 173 -10.46 35.69 -7.32
N ASN B 174 -9.21 36.00 -7.68
CA ASN B 174 -8.93 36.73 -8.90
C ASN B 174 -8.26 35.86 -9.94
N GLY B 175 -8.44 36.22 -11.21
CA GLY B 175 -7.84 35.49 -12.31
C GLY B 175 -7.89 36.28 -13.60
N ILE B 176 -6.97 35.98 -14.52
CA ILE B 176 -6.95 36.65 -15.82
C ILE B 176 -7.93 35.97 -16.76
N SER B 177 -8.63 36.79 -17.57
CA SER B 177 -9.60 36.27 -18.52
C SER B 177 -8.91 35.87 -19.81
N GLU B 178 -9.59 35.03 -20.60
CA GLU B 178 -9.07 34.63 -21.90
C GLU B 178 -10.16 34.77 -22.96
N LEU B 179 -11.31 35.26 -22.54
CA LEU B 179 -12.41 35.57 -23.44
C LEU B 179 -13.04 36.91 -23.07
N SER B 180 -13.57 37.62 -24.05
CA SER B 180 -14.36 38.81 -23.78
C SER B 180 -15.80 38.40 -23.56
N ARG B 181 -16.61 39.29 -22.97
CA ARG B 181 -18.02 38.98 -22.71
C ARG B 181 -18.76 38.76 -24.02
N LYS B 182 -18.33 39.45 -25.06
CA LYS B 182 -18.95 39.34 -26.38
C LYS B 182 -18.74 37.94 -26.95
N GLU B 183 -17.53 37.42 -26.82
CA GLU B 183 -17.21 36.09 -27.32
C GLU B 183 -18.05 35.03 -26.59
N ILE B 184 -18.44 35.34 -25.36
CA ILE B 184 -19.18 34.40 -24.52
C ILE B 184 -20.68 34.43 -24.79
N PHE B 185 -21.29 35.58 -24.59
CA PHE B 185 -22.75 35.68 -24.57
C PHE B 185 -23.39 36.11 -25.89
N SER B 186 -22.65 36.83 -26.73
CA SER B 186 -23.17 37.24 -28.03
C SER B 186 -23.34 36.03 -28.95
N GLY B 187 -24.50 35.94 -29.59
CA GLY B 187 -24.83 34.78 -30.40
C GLY B 187 -25.04 33.57 -29.52
N LEU B 188 -24.88 32.38 -30.08
CA LEU B 188 -24.99 31.16 -29.28
C LEU B 188 -23.90 30.13 -29.60
N PRO B 189 -22.64 30.53 -29.49
CA PRO B 189 -21.54 29.58 -29.72
C PRO B 189 -21.33 28.68 -28.52
N GLU B 190 -21.65 27.38 -28.63
CA GLU B 190 -21.52 26.48 -27.49
C GLU B 190 -20.02 26.20 -27.41
N LEU B 191 -19.27 27.18 -26.91
CA LEU B 191 -17.82 27.12 -26.94
C LEU B 191 -17.23 26.48 -25.69
N LYS B 192 -16.10 25.80 -25.86
CA LYS B 192 -15.38 25.17 -24.76
C LYS B 192 -14.04 25.86 -24.54
N GLY B 193 -13.19 25.25 -23.73
CA GLY B 193 -11.87 25.79 -23.47
C GLY B 193 -11.81 26.70 -22.26
N MET B 194 -10.64 27.28 -22.03
CA MET B 194 -10.42 28.16 -20.89
C MET B 194 -11.27 29.42 -20.97
N GLY B 195 -11.74 29.90 -19.81
CA GLY B 195 -12.46 31.14 -19.74
C GLY B 195 -11.77 32.12 -18.80
N ILE B 196 -11.54 31.69 -17.57
CA ILE B 196 -10.85 32.52 -16.59
C ILE B 196 -9.75 31.74 -15.87
N ARG B 197 -8.50 32.02 -16.21
CA ARG B 197 -7.36 31.40 -15.52
C ARG B 197 -7.12 32.05 -14.16
N MET B 198 -7.46 31.32 -13.10
CA MET B 198 -7.26 31.81 -11.74
C MET B 198 -5.79 32.04 -11.43
N THR B 199 -5.46 33.22 -10.93
CA THR B 199 -4.09 33.55 -10.58
C THR B 199 -3.94 33.78 -9.08
N GLU B 200 -5.06 34.06 -8.41
CA GLU B 200 -5.06 34.26 -6.97
C GLU B 200 -6.40 33.89 -6.34
N PRO B 201 -6.65 32.58 -6.18
CA PRO B 201 -7.89 32.11 -5.55
C PRO B 201 -7.83 32.20 -4.03
N VAL B 202 -8.97 32.06 -3.36
CA VAL B 202 -9.01 32.05 -1.91
C VAL B 202 -8.32 30.79 -1.39
N TYR B 203 -8.70 29.65 -1.96
CA TYR B 203 -8.07 28.38 -1.63
C TYR B 203 -7.17 27.91 -2.77
N LEU B 204 -5.86 27.89 -2.52
CA LEU B 204 -4.89 27.49 -3.53
C LEU B 204 -4.79 25.97 -3.64
N SER B 205 -5.29 25.43 -4.74
CA SER B 205 -5.23 23.99 -5.00
C SER B 205 -4.91 23.74 -6.46
N PRO B 206 -4.20 22.65 -6.74
CA PRO B 206 -3.74 22.34 -8.11
C PRO B 206 -4.90 22.06 -9.07
N SER B 207 -4.68 22.38 -10.34
CA SER B 207 -5.67 22.11 -11.38
C SER B 207 -5.45 20.72 -11.98
N PHE B 208 -6.48 19.89 -11.93
CA PHE B 208 -6.38 18.52 -12.41
C PHE B 208 -7.20 18.27 -13.68
N ASP B 209 -6.96 19.08 -14.71
CA ASP B 209 -7.70 18.95 -15.95
C ASP B 209 -7.08 17.92 -16.89
N SER B 210 -6.02 18.32 -17.58
CA SER B 210 -5.37 17.44 -18.55
C SER B 210 -4.02 16.93 -18.06
N VAL B 211 -3.89 16.75 -16.75
CA VAL B 211 -2.64 16.27 -16.17
C VAL B 211 -2.72 14.79 -15.82
N LEU B 212 -1.85 14.00 -16.44
CA LEU B 212 -1.76 12.56 -16.23
C LEU B 212 -3.13 11.87 -16.19
N PRO B 213 -3.90 11.98 -17.30
CA PRO B 213 -5.28 11.47 -17.30
C PRO B 213 -5.35 9.95 -17.16
N ARG B 214 -4.28 9.26 -17.53
CA ARG B 214 -4.23 7.81 -17.49
C ARG B 214 -3.76 7.29 -16.14
N TYR B 215 -3.15 8.17 -15.35
CA TYR B 215 -2.53 7.75 -14.09
C TYR B 215 -3.32 8.22 -12.88
N LEU B 216 -4.05 9.32 -13.02
CA LEU B 216 -4.76 9.94 -11.91
C LEU B 216 -6.25 9.65 -11.91
N PHE B 217 -6.96 9.82 -10.82
CA PHE B 217 -8.40 9.98 -10.73
C PHE B 217 -8.69 10.79 -9.47
N LEU B 218 -9.16 12.01 -9.67
CA LEU B 218 -9.50 12.88 -8.56
C LEU B 218 -10.74 12.31 -7.85
N GLN B 219 -10.62 12.08 -6.54
CA GLN B 219 -11.64 11.36 -5.80
C GLN B 219 -11.54 11.67 -4.31
N ASN B 220 -12.68 11.99 -3.70
CA ASN B 220 -12.72 12.25 -2.27
C ASN B 220 -12.26 11.02 -1.49
N LEU B 221 -11.60 11.25 -0.35
CA LEU B 221 -10.99 10.17 0.41
C LEU B 221 -11.94 9.02 0.81
N PRO B 222 -13.15 9.34 1.30
CA PRO B 222 -14.04 8.21 1.60
C PRO B 222 -14.48 7.44 0.36
N SER B 223 -14.67 8.14 -0.76
CA SER B 223 -15.04 7.50 -2.02
C SER B 223 -13.96 6.54 -2.49
N ALA B 224 -12.72 6.84 -2.14
CA ALA B 224 -11.60 5.95 -2.43
C ALA B 224 -11.57 4.82 -1.41
N LEU B 225 -12.01 5.12 -0.19
CA LEU B 225 -12.04 4.13 0.89
C LEU B 225 -13.05 3.02 0.62
N VAL B 226 -14.17 3.37 0.00
CA VAL B 226 -15.25 2.43 -0.28
C VAL B 226 -14.78 1.16 -1.00
N SER B 227 -14.08 1.34 -2.10
CA SER B 227 -13.60 0.22 -2.90
C SER B 227 -12.65 -0.67 -2.09
N HIS B 228 -11.91 -0.06 -1.18
CA HIS B 228 -11.02 -0.80 -0.28
C HIS B 228 -11.83 -1.63 0.72
N VAL B 229 -12.84 -1.00 1.31
CA VAL B 229 -13.69 -1.67 2.29
C VAL B 229 -14.42 -2.85 1.68
N LEU B 230 -14.89 -2.68 0.44
CA LEU B 230 -15.54 -3.77 -0.28
C LEU B 230 -14.59 -4.96 -0.42
N ASN B 231 -13.30 -4.65 -0.57
CA ASN B 231 -12.24 -5.65 -0.64
C ASN B 231 -12.47 -6.70 -1.72
N PRO B 232 -12.29 -6.30 -3.00
CA PRO B 232 -12.50 -7.21 -4.12
C PRO B 232 -11.28 -8.11 -4.36
N GLN B 233 -11.51 -9.34 -4.81
CA GLN B 233 -10.44 -10.29 -5.05
C GLN B 233 -10.34 -10.63 -6.54
N PRO B 234 -9.11 -10.70 -7.07
CA PRO B 234 -8.83 -11.09 -8.45
C PRO B 234 -9.59 -12.35 -8.88
N GLY B 235 -10.38 -12.24 -9.93
CA GLY B 235 -11.11 -13.38 -10.45
C GLY B 235 -12.55 -13.50 -9.97
N GLU B 236 -13.02 -12.49 -9.25
CA GLU B 236 -14.39 -12.49 -8.75
C GLU B 236 -15.33 -11.75 -9.69
N LYS B 237 -16.63 -11.89 -9.45
CA LYS B 237 -17.64 -11.21 -10.26
C LYS B 237 -18.29 -10.11 -9.43
N ILE B 238 -17.81 -8.88 -9.63
CA ILE B 238 -18.29 -7.74 -8.85
C ILE B 238 -19.35 -6.94 -9.61
N LEU B 239 -20.31 -6.37 -8.88
CA LEU B 239 -21.34 -5.54 -9.49
C LEU B 239 -21.66 -4.32 -8.65
N ASP B 240 -21.57 -3.13 -9.25
CA ASP B 240 -22.08 -1.94 -8.59
C ASP B 240 -23.25 -1.36 -9.39
N LEU B 241 -24.42 -1.35 -8.77
CA LEU B 241 -25.66 -0.94 -9.42
C LEU B 241 -25.62 0.50 -9.92
N CYS B 242 -25.10 1.39 -9.09
CA CYS B 242 -25.01 2.80 -9.44
C CYS B 242 -23.55 3.19 -9.65
N ALA B 243 -23.05 3.02 -10.87
CA ALA B 243 -21.62 3.09 -11.13
C ALA B 243 -21.13 4.43 -11.67
N ALA B 244 -21.94 5.06 -12.52
CA ALA B 244 -21.54 6.29 -13.22
C ALA B 244 -21.07 7.39 -12.29
N PRO B 245 -20.00 8.12 -12.68
CA PRO B 245 -19.29 7.94 -13.95
C PRO B 245 -18.15 6.93 -13.88
N GLY B 246 -18.29 5.91 -13.03
CA GLY B 246 -17.29 4.87 -12.93
C GLY B 246 -16.11 5.23 -12.07
N GLY B 247 -16.34 6.10 -11.08
CA GLY B 247 -15.29 6.52 -10.18
C GLY B 247 -14.80 5.38 -9.30
N LYS B 248 -15.74 4.68 -8.67
CA LYS B 248 -15.41 3.56 -7.80
C LYS B 248 -15.24 2.27 -8.61
N THR B 249 -15.89 2.21 -9.76
CA THR B 249 -15.82 1.03 -10.63
C THR B 249 -14.40 0.76 -11.10
N THR B 250 -13.76 1.78 -11.69
CA THR B 250 -12.39 1.66 -12.18
C THR B 250 -11.43 1.37 -11.03
N HIS B 251 -11.76 1.86 -9.85
CA HIS B 251 -10.94 1.61 -8.67
C HIS B 251 -11.02 0.14 -8.29
N ILE B 252 -12.24 -0.40 -8.26
CA ILE B 252 -12.46 -1.82 -7.98
C ILE B 252 -11.72 -2.68 -9.00
N ALA B 253 -11.81 -2.30 -10.26
CA ALA B 253 -11.12 -3.03 -11.33
C ALA B 253 -9.61 -2.97 -11.15
N ALA B 254 -9.11 -1.83 -10.71
CA ALA B 254 -7.68 -1.64 -10.50
C ALA B 254 -7.19 -2.41 -9.27
N LEU B 255 -8.09 -2.67 -8.33
CA LEU B 255 -7.75 -3.42 -7.13
C LEU B 255 -7.60 -4.91 -7.46
N MET B 256 -8.37 -5.38 -8.43
CA MET B 256 -8.35 -6.78 -8.82
C MET B 256 -7.25 -7.07 -9.86
N HIS B 257 -6.38 -6.09 -10.06
CA HIS B 257 -5.35 -6.13 -11.11
C HIS B 257 -5.98 -6.38 -12.49
N ASP B 258 -7.21 -5.91 -12.65
CA ASP B 258 -7.98 -6.07 -13.89
C ASP B 258 -8.21 -7.55 -14.23
N GLN B 259 -8.05 -8.41 -13.23
CA GLN B 259 -8.26 -9.85 -13.40
C GLN B 259 -9.57 -10.30 -12.78
N GLY B 260 -10.64 -10.33 -13.59
CA GLY B 260 -11.94 -10.71 -13.09
C GLY B 260 -13.06 -10.17 -13.97
N GLU B 261 -14.20 -9.88 -13.35
CA GLU B 261 -15.36 -9.38 -14.08
C GLU B 261 -16.12 -8.33 -13.26
N VAL B 262 -16.10 -7.09 -13.72
CA VAL B 262 -16.79 -6.01 -13.04
C VAL B 262 -17.94 -5.47 -13.88
N ILE B 263 -19.16 -5.77 -13.46
CA ILE B 263 -20.34 -5.32 -14.18
C ILE B 263 -20.85 -4.01 -13.61
N ALA B 264 -20.91 -2.98 -14.46
CA ALA B 264 -21.38 -1.67 -14.05
C ALA B 264 -22.76 -1.39 -14.64
N LEU B 265 -23.60 -0.68 -13.91
CA LEU B 265 -24.93 -0.32 -14.39
C LEU B 265 -25.23 1.16 -14.15
N ASP B 266 -26.06 1.73 -15.00
CA ASP B 266 -26.60 3.08 -14.73
C ASP B 266 -27.87 3.31 -15.55
N LYS B 267 -28.73 4.20 -15.05
CA LYS B 267 -30.02 4.44 -15.68
C LYS B 267 -29.92 5.34 -16.91
N ILE B 268 -29.03 6.32 -16.86
CA ILE B 268 -28.89 7.29 -17.94
C ILE B 268 -27.75 6.91 -18.89
N PHE B 269 -28.00 7.05 -20.19
CA PHE B 269 -27.10 6.61 -21.26
C PHE B 269 -25.74 7.28 -21.24
N ASN B 270 -25.74 8.62 -21.32
CA ASN B 270 -24.51 9.41 -21.37
C ASN B 270 -23.55 9.06 -20.25
N LYS B 271 -24.12 8.82 -19.06
CA LYS B 271 -23.35 8.44 -17.89
C LYS B 271 -22.62 7.11 -18.10
N VAL B 272 -23.33 6.13 -18.64
CA VAL B 272 -22.73 4.83 -18.96
C VAL B 272 -21.61 5.01 -19.98
N GLU B 273 -21.85 5.87 -20.96
CA GLU B 273 -20.83 6.18 -21.95
C GLU B 273 -19.60 6.76 -21.27
N LYS B 274 -19.80 7.58 -20.24
CA LYS B 274 -18.71 8.14 -19.47
C LYS B 274 -17.95 7.05 -18.71
N ILE B 275 -18.70 6.06 -18.21
CA ILE B 275 -18.08 4.91 -17.56
C ILE B 275 -17.14 4.20 -18.52
N LYS B 276 -17.65 3.87 -19.70
CA LYS B 276 -16.86 3.20 -20.72
C LYS B 276 -15.63 4.03 -21.12
N GLN B 277 -15.82 5.34 -21.22
CA GLN B 277 -14.72 6.26 -21.51
C GLN B 277 -13.63 6.17 -20.44
N ASN B 278 -14.04 6.15 -19.18
CA ASN B 278 -13.09 6.07 -18.07
C ASN B 278 -12.35 4.74 -18.03
N ALA B 279 -13.09 3.65 -18.21
CA ALA B 279 -12.50 2.30 -18.23
C ALA B 279 -11.48 2.18 -19.36
N LEU B 280 -11.86 2.66 -20.54
CA LEU B 280 -10.96 2.65 -21.68
C LEU B 280 -9.74 3.55 -21.44
N LEU B 281 -9.96 4.64 -20.74
CA LEU B 281 -8.89 5.60 -20.45
C LEU B 281 -7.84 5.00 -19.53
N LEU B 282 -8.28 4.43 -18.41
CA LEU B 282 -7.37 3.98 -17.36
C LEU B 282 -6.77 2.60 -17.63
N GLY B 283 -7.15 1.98 -18.74
CA GLY B 283 -6.56 0.72 -19.13
C GLY B 283 -7.19 -0.51 -18.51
N LEU B 284 -8.43 -0.40 -18.07
CA LEU B 284 -9.14 -1.55 -17.51
C LEU B 284 -10.00 -2.22 -18.57
N ASN B 285 -9.81 -3.53 -18.73
CA ASN B 285 -10.52 -4.29 -19.75
C ASN B 285 -11.52 -5.27 -19.17
N SER B 286 -11.71 -5.21 -17.85
CA SER B 286 -12.65 -6.11 -17.17
C SER B 286 -13.96 -5.42 -16.84
N ILE B 287 -14.06 -4.13 -17.16
CA ILE B 287 -15.26 -3.38 -16.87
C ILE B 287 -16.28 -3.48 -18.00
N ARG B 288 -17.49 -3.94 -17.66
CA ARG B 288 -18.58 -4.02 -18.63
C ARG B 288 -19.78 -3.20 -18.15
N ALA B 289 -19.96 -2.04 -18.76
CA ALA B 289 -20.98 -1.09 -18.33
C ALA B 289 -22.26 -1.20 -19.16
N PHE B 290 -23.40 -1.02 -18.51
CA PHE B 290 -24.69 -1.15 -19.17
C PHE B 290 -25.67 -0.06 -18.74
N CYS B 291 -26.47 0.41 -19.70
CA CYS B 291 -27.57 1.33 -19.40
C CYS B 291 -28.79 0.50 -19.02
N PHE B 292 -29.11 0.48 -17.73
CA PHE B 292 -30.15 -0.40 -17.21
C PHE B 292 -30.67 0.09 -15.87
N ASP B 293 -31.95 -0.16 -15.58
CA ASP B 293 -32.54 0.19 -14.30
C ASP B 293 -32.12 -0.83 -13.24
N GLY B 294 -31.50 -0.34 -12.17
CA GLY B 294 -31.00 -1.21 -11.12
C GLY B 294 -32.11 -1.93 -10.36
N THR B 295 -33.28 -1.32 -10.28
CA THR B 295 -34.41 -1.92 -9.59
C THR B 295 -34.92 -3.15 -10.32
N LYS B 296 -34.75 -3.17 -11.64
CA LYS B 296 -35.21 -4.28 -12.45
C LYS B 296 -34.05 -5.16 -12.93
N ALA B 297 -33.07 -5.35 -12.07
CA ALA B 297 -31.85 -6.06 -12.46
C ALA B 297 -31.91 -7.56 -12.19
N VAL B 298 -33.04 -8.03 -11.66
CA VAL B 298 -33.19 -9.45 -11.35
C VAL B 298 -33.97 -10.17 -12.45
N LYS B 299 -33.41 -11.30 -12.90
CA LYS B 299 -34.01 -12.10 -13.97
C LYS B 299 -35.29 -12.79 -13.49
N LEU B 300 -36.30 -12.84 -14.36
CA LEU B 300 -37.55 -13.51 -14.04
C LEU B 300 -38.05 -14.32 -15.24
N GLU B 309 -25.42 -10.28 -20.07
CA GLU B 309 -26.21 -9.06 -20.17
C GLU B 309 -27.33 -9.02 -19.14
N PRO B 310 -27.68 -7.81 -18.67
CA PRO B 310 -28.72 -7.63 -17.66
C PRO B 310 -30.12 -7.89 -18.23
N PRO B 311 -31.07 -8.34 -17.38
CA PRO B 311 -30.91 -8.59 -15.95
C PRO B 311 -30.11 -9.86 -15.64
N PHE B 312 -29.80 -10.07 -14.37
CA PHE B 312 -28.98 -11.21 -13.97
C PHE B 312 -29.73 -12.17 -13.07
N LEU B 313 -29.32 -13.43 -13.09
CA LEU B 313 -29.87 -14.45 -12.19
C LEU B 313 -29.50 -14.10 -10.76
N PRO B 314 -30.40 -14.41 -9.81
CA PRO B 314 -30.13 -14.14 -8.39
C PRO B 314 -28.93 -14.93 -7.87
N GLU B 315 -28.22 -14.37 -6.90
CA GLU B 315 -27.04 -15.00 -6.31
C GLU B 315 -26.00 -15.38 -7.37
N SER B 316 -25.59 -14.41 -8.17
CA SER B 316 -24.62 -14.65 -9.23
C SER B 316 -23.43 -13.70 -9.13
N PHE B 317 -23.40 -12.91 -8.07
CA PHE B 317 -22.29 -11.98 -7.86
C PHE B 317 -21.61 -12.22 -6.51
N ASP B 318 -20.29 -12.17 -6.52
CA ASP B 318 -19.50 -12.37 -5.31
C ASP B 318 -19.57 -11.15 -4.39
N ARG B 319 -19.51 -9.96 -4.99
CA ARG B 319 -19.59 -8.72 -4.21
C ARG B 319 -20.40 -7.65 -4.93
N ILE B 320 -21.21 -6.93 -4.16
CA ILE B 320 -22.04 -5.87 -4.72
C ILE B 320 -21.84 -4.54 -4.00
N LEU B 321 -21.60 -3.50 -4.79
CA LEU B 321 -21.42 -2.15 -4.26
C LEU B 321 -22.63 -1.26 -4.56
N LEU B 322 -23.45 -1.03 -3.55
CA LEU B 322 -24.55 -0.08 -3.69
C LEU B 322 -24.08 1.31 -3.27
N ASP B 323 -23.53 2.05 -4.22
CA ASP B 323 -23.22 3.47 -4.03
C ASP B 323 -24.46 4.25 -4.43
N ALA B 324 -25.53 4.05 -3.67
CA ALA B 324 -26.86 4.58 -3.97
C ALA B 324 -26.88 6.08 -4.16
N PRO B 325 -27.83 6.57 -4.99
CA PRO B 325 -28.04 8.01 -5.12
C PRO B 325 -28.56 8.60 -3.81
N CYS B 326 -28.07 9.78 -3.43
CA CYS B 326 -28.47 10.38 -2.17
C CYS B 326 -28.67 11.89 -2.30
N SER B 327 -29.03 12.53 -1.20
CA SER B 327 -29.26 13.98 -1.18
C SER B 327 -27.99 14.74 -1.47
N GLY B 328 -26.85 14.15 -1.10
CA GLY B 328 -25.56 14.79 -1.33
C GLY B 328 -25.29 15.91 -0.37
N MET B 329 -25.92 15.85 0.80
CA MET B 329 -25.79 16.90 1.80
C MET B 329 -24.39 16.97 2.41
N GLY B 330 -23.60 15.92 2.19
CA GLY B 330 -22.26 15.86 2.73
C GLY B 330 -21.24 16.56 1.85
N GLN B 331 -21.69 17.02 0.68
CA GLN B 331 -20.81 17.66 -0.29
C GLN B 331 -20.10 18.89 0.28
N ARG B 332 -18.81 19.00 0.01
CA ARG B 332 -18.03 20.16 0.41
C ARG B 332 -17.14 20.61 -0.76
N PRO B 333 -17.21 21.89 -1.12
CA PRO B 333 -18.04 22.90 -0.44
C PRO B 333 -19.46 22.95 -0.97
N ASN B 334 -20.39 23.32 -0.09
CA ASN B 334 -21.80 23.46 -0.45
C ASN B 334 -22.40 24.65 0.29
N MET B 335 -22.39 25.82 -0.34
CA MET B 335 -22.74 27.07 0.31
C MET B 335 -24.24 27.32 0.39
N ALA B 336 -25.00 26.69 -0.50
CA ALA B 336 -26.44 26.91 -0.54
C ALA B 336 -27.17 25.73 -1.19
N CYS B 337 -28.24 25.27 -0.54
CA CYS B 337 -29.07 24.21 -1.08
C CYS B 337 -30.52 24.66 -1.18
N THR B 338 -30.93 25.06 -2.38
CA THR B 338 -32.28 25.54 -2.61
C THR B 338 -33.24 24.40 -2.91
N TRP B 339 -33.20 23.37 -2.07
CA TRP B 339 -34.03 22.19 -2.26
C TRP B 339 -35.24 22.16 -1.33
N SER B 340 -36.28 21.47 -1.76
CA SER B 340 -37.44 21.22 -0.92
C SER B 340 -37.17 20.03 -0.01
N VAL B 341 -37.87 19.96 1.11
CA VAL B 341 -37.72 18.84 2.03
C VAL B 341 -38.24 17.56 1.39
N LYS B 342 -39.25 17.71 0.54
CA LYS B 342 -39.78 16.59 -0.23
C LYS B 342 -38.71 16.01 -1.14
N GLU B 343 -37.87 16.89 -1.70
CA GLU B 343 -36.82 16.48 -2.63
C GLU B 343 -35.65 15.81 -1.90
N VAL B 344 -35.30 16.35 -0.73
CA VAL B 344 -34.18 15.84 0.04
C VAL B 344 -34.43 14.40 0.50
N ALA B 345 -35.62 14.14 1.03
CA ALA B 345 -35.97 12.81 1.52
C ALA B 345 -36.72 12.01 0.46
N SER B 346 -36.42 12.27 -0.81
CA SER B 346 -37.10 11.58 -1.90
C SER B 346 -36.28 10.40 -2.43
N TYR B 347 -35.35 9.91 -1.61
CA TYR B 347 -34.43 8.86 -2.05
C TYR B 347 -34.64 7.53 -1.35
N GLN B 348 -35.11 7.58 -0.10
CA GLN B 348 -35.27 6.38 0.73
C GLN B 348 -35.99 5.21 0.03
N PRO B 349 -37.12 5.48 -0.65
CA PRO B 349 -37.75 4.36 -1.37
C PRO B 349 -36.84 3.77 -2.47
N LEU B 350 -36.21 4.64 -3.24
CA LEU B 350 -35.31 4.22 -4.32
C LEU B 350 -34.14 3.42 -3.76
N GLN B 351 -33.54 3.94 -2.70
CA GLN B 351 -32.43 3.27 -2.03
C GLN B 351 -32.85 1.89 -1.53
N ARG B 352 -34.07 1.80 -1.01
CA ARG B 352 -34.59 0.53 -0.51
C ARG B 352 -34.80 -0.48 -1.64
N LYS B 353 -35.37 -0.02 -2.75
CA LYS B 353 -35.57 -0.88 -3.92
C LYS B 353 -34.26 -1.41 -4.46
N LEU B 354 -33.32 -0.50 -4.72
CA LEU B 354 -32.00 -0.87 -5.20
C LEU B 354 -31.30 -1.81 -4.23
N PHE B 355 -31.51 -1.59 -2.94
CA PHE B 355 -30.90 -2.43 -1.91
C PHE B 355 -31.45 -3.85 -2.00
N THR B 356 -32.77 -3.95 -2.14
CA THR B 356 -33.42 -5.25 -2.31
C THR B 356 -32.86 -5.98 -3.52
N ALA B 357 -32.79 -5.26 -4.64
CA ALA B 357 -32.23 -5.80 -5.88
C ALA B 357 -30.79 -6.29 -5.68
N ALA B 358 -30.06 -5.59 -4.81
CA ALA B 358 -28.69 -5.98 -4.51
C ALA B 358 -28.64 -7.27 -3.69
N VAL B 359 -29.46 -7.34 -2.66
CA VAL B 359 -29.51 -8.51 -1.79
C VAL B 359 -29.90 -9.76 -2.58
N GLN B 360 -30.81 -9.59 -3.53
CA GLN B 360 -31.25 -10.71 -4.36
C GLN B 360 -30.14 -11.20 -5.30
N LEU B 361 -29.27 -10.29 -5.73
CA LEU B 361 -28.22 -10.62 -6.69
C LEU B 361 -26.88 -10.96 -6.03
N LEU B 362 -26.91 -11.33 -4.75
CA LEU B 362 -25.68 -11.59 -4.02
C LEU B 362 -25.52 -13.07 -3.66
N LYS B 363 -24.40 -13.66 -4.07
CA LYS B 363 -24.07 -15.02 -3.68
C LYS B 363 -23.95 -15.12 -2.16
N PRO B 364 -24.34 -16.27 -1.59
CA PRO B 364 -24.16 -16.52 -0.16
C PRO B 364 -22.71 -16.36 0.26
N GLU B 365 -22.48 -15.89 1.49
CA GLU B 365 -21.15 -15.55 1.99
C GLU B 365 -20.53 -14.44 1.14
N GLY B 366 -21.37 -13.65 0.48
CA GLY B 366 -20.90 -12.54 -0.32
C GLY B 366 -20.88 -11.25 0.46
N VAL B 367 -20.27 -10.22 -0.11
CA VAL B 367 -20.16 -8.93 0.58
C VAL B 367 -20.93 -7.83 -0.15
N LEU B 368 -21.75 -7.11 0.60
CA LEU B 368 -22.51 -5.98 0.05
C LEU B 368 -22.14 -4.70 0.78
N VAL B 369 -21.60 -3.72 0.04
CA VAL B 369 -21.24 -2.45 0.66
C VAL B 369 -22.20 -1.34 0.27
N TYR B 370 -22.89 -0.79 1.26
CA TYR B 370 -23.82 0.32 1.04
C TYR B 370 -23.14 1.63 1.41
N SER B 371 -23.07 2.55 0.45
CA SER B 371 -22.38 3.82 0.71
C SER B 371 -23.14 5.03 0.17
N THR B 372 -23.22 6.08 1.00
CA THR B 372 -23.82 7.35 0.58
C THR B 372 -22.88 8.50 0.89
N CYS B 373 -23.07 9.63 0.20
CA CYS B 373 -22.29 10.83 0.48
C CYS B 373 -23.13 11.85 1.22
N THR B 374 -24.21 11.39 1.83
CA THR B 374 -25.09 12.26 2.61
C THR B 374 -24.91 12.05 4.10
N ILE B 375 -25.51 12.92 4.90
CA ILE B 375 -25.37 12.88 6.35
C ILE B 375 -26.70 12.55 7.04
N THR B 376 -27.77 12.50 6.25
CA THR B 376 -29.10 12.24 6.77
C THR B 376 -29.24 10.85 7.37
N LEU B 377 -29.95 10.75 8.49
CA LEU B 377 -30.22 9.47 9.14
C LEU B 377 -31.13 8.60 8.29
N ALA B 378 -32.06 9.24 7.58
CA ALA B 378 -33.06 8.53 6.78
C ALA B 378 -32.43 7.72 5.66
N GLU B 379 -31.27 8.16 5.17
CA GLU B 379 -30.62 7.50 4.05
C GLU B 379 -29.44 6.65 4.50
N ASN B 380 -29.05 6.77 5.77
CA ASN B 380 -27.91 6.05 6.29
C ASN B 380 -28.28 4.97 7.31
N GLU B 381 -28.07 5.28 8.60
CA GLU B 381 -28.27 4.32 9.68
C GLU B 381 -29.66 3.66 9.68
N GLU B 382 -30.69 4.43 9.35
CA GLU B 382 -32.05 3.90 9.29
C GLU B 382 -32.18 2.84 8.21
N GLN B 383 -31.47 3.03 7.11
CA GLN B 383 -31.47 2.06 6.02
C GLN B 383 -30.71 0.81 6.43
N VAL B 384 -29.71 0.98 7.30
CA VAL B 384 -28.95 -0.14 7.84
C VAL B 384 -29.83 -0.99 8.75
N ALA B 385 -30.54 -0.33 9.66
CA ALA B 385 -31.47 -1.01 10.54
C ALA B 385 -32.57 -1.70 9.75
N TRP B 386 -33.13 -1.00 8.78
CA TRP B 386 -34.16 -1.56 7.91
C TRP B 386 -33.66 -2.79 7.18
N ALA B 387 -32.41 -2.72 6.72
CA ALA B 387 -31.80 -3.83 6.01
C ALA B 387 -31.62 -5.04 6.92
N LEU B 388 -31.10 -4.78 8.12
CA LEU B 388 -30.86 -5.84 9.09
C LEU B 388 -32.18 -6.45 9.58
N THR B 389 -33.26 -5.71 9.45
CA THR B 389 -34.57 -6.20 9.87
C THR B 389 -35.26 -7.02 8.77
N LYS B 390 -35.45 -6.41 7.59
CA LYS B 390 -36.14 -7.07 6.49
C LYS B 390 -35.35 -8.27 5.97
N PHE B 391 -34.03 -8.14 5.95
CA PHE B 391 -33.17 -9.22 5.46
C PHE B 391 -32.37 -9.82 6.60
N PRO B 392 -32.84 -10.96 7.14
CA PRO B 392 -32.16 -11.65 8.24
C PRO B 392 -30.98 -12.48 7.75
N CYS B 393 -30.86 -12.64 6.44
CA CYS B 393 -29.75 -13.37 5.85
C CYS B 393 -28.49 -12.51 5.79
N LEU B 394 -28.67 -11.21 6.03
CA LEU B 394 -27.55 -10.27 6.07
C LEU B 394 -27.11 -9.99 7.50
N GLN B 395 -25.80 -9.81 7.69
CA GLN B 395 -25.29 -9.43 9.01
C GLN B 395 -24.18 -8.40 8.85
N LEU B 396 -24.15 -7.44 9.78
CA LEU B 396 -23.20 -6.33 9.73
C LEU B 396 -21.78 -6.79 9.98
N GLN B 397 -20.84 -6.31 9.17
CA GLN B 397 -19.45 -6.70 9.28
C GLN B 397 -18.56 -5.53 9.68
N PRO B 398 -17.48 -5.82 10.43
CA PRO B 398 -16.46 -4.81 10.70
C PRO B 398 -15.73 -4.45 9.42
N GLN B 399 -15.15 -3.26 9.35
CA GLN B 399 -14.55 -2.81 8.10
C GLN B 399 -13.06 -2.55 8.21
N GLU B 400 -12.35 -2.73 7.09
CA GLU B 400 -10.94 -2.40 6.98
C GLU B 400 -10.66 -1.77 5.63
N PRO B 401 -10.01 -0.60 5.62
CA PRO B 401 -9.52 0.12 6.79
C PRO B 401 -10.61 0.92 7.53
N GLN B 402 -10.42 1.13 8.82
CA GLN B 402 -11.30 1.97 9.62
C GLN B 402 -10.71 3.37 9.74
N ILE B 403 -11.39 4.35 9.13
CA ILE B 403 -10.88 5.72 9.12
C ILE B 403 -11.89 6.70 9.72
N GLY B 404 -13.13 6.66 9.22
CA GLY B 404 -14.14 7.58 9.65
C GLY B 404 -14.65 7.32 11.06
N GLY B 405 -15.55 8.17 11.52
CA GLY B 405 -16.14 8.01 12.84
C GLY B 405 -17.13 6.87 12.88
N GLU B 406 -17.74 6.66 14.04
CA GLU B 406 -18.71 5.59 14.21
C GLU B 406 -20.10 6.05 13.81
N GLY B 407 -21.02 5.10 13.65
CA GLY B 407 -22.38 5.40 13.25
C GLY B 407 -23.11 6.31 14.22
N MET B 408 -23.94 7.19 13.69
CA MET B 408 -24.69 8.14 14.51
C MET B 408 -25.88 7.47 15.19
N ARG B 409 -26.05 7.74 16.48
CA ARG B 409 -27.16 7.20 17.25
C ARG B 409 -28.50 7.73 16.74
N GLY B 410 -29.52 6.87 16.70
CA GLY B 410 -30.84 7.30 16.27
C GLY B 410 -31.66 6.19 15.63
N ALA B 411 -31.02 5.39 14.80
CA ALA B 411 -31.71 4.32 14.08
C ALA B 411 -32.11 3.17 15.00
N GLY B 412 -31.51 3.13 16.19
CA GLY B 412 -31.82 2.09 17.16
C GLY B 412 -30.83 0.95 17.13
N LEU B 413 -29.63 1.22 16.60
CA LEU B 413 -28.57 0.22 16.55
C LEU B 413 -27.81 0.19 17.87
N SER B 414 -27.19 -0.95 18.17
CA SER B 414 -26.38 -1.08 19.37
C SER B 414 -25.07 -0.30 19.23
N CYS B 415 -24.31 -0.22 20.30
CA CYS B 415 -23.02 0.46 20.27
C CYS B 415 -22.06 -0.27 19.35
N GLU B 416 -22.05 -1.59 19.45
CA GLU B 416 -21.18 -2.44 18.65
C GLU B 416 -21.53 -2.36 17.16
N GLN B 417 -22.82 -2.20 16.88
CA GLN B 417 -23.28 -2.04 15.49
C GLN B 417 -22.87 -0.69 14.93
N LEU B 418 -22.83 0.33 15.80
CA LEU B 418 -22.40 1.66 15.39
C LEU B 418 -20.89 1.72 15.19
N LYS B 419 -20.17 0.88 15.94
CA LYS B 419 -18.72 0.80 15.79
C LYS B 419 -18.32 0.13 14.48
N GLN B 420 -19.23 -0.65 13.92
CA GLN B 420 -18.97 -1.36 12.67
C GLN B 420 -19.25 -0.50 11.44
N LEU B 421 -19.91 0.63 11.65
CA LEU B 421 -20.21 1.54 10.55
C LEU B 421 -19.15 2.62 10.44
N GLN B 422 -19.02 3.21 9.25
CA GLN B 422 -18.06 4.31 9.08
C GLN B 422 -18.75 5.58 8.60
N ARG B 423 -18.89 6.55 9.49
CA ARG B 423 -19.49 7.83 9.12
C ARG B 423 -18.46 8.95 9.14
N PHE B 424 -18.29 9.61 7.99
CA PHE B 424 -17.43 10.76 7.90
C PHE B 424 -18.23 12.04 8.14
N ASP B 425 -17.99 12.63 9.30
CA ASP B 425 -18.69 13.85 9.73
C ASP B 425 -17.74 15.03 9.74
N PRO B 426 -18.05 16.06 8.94
CA PRO B 426 -17.21 17.26 8.76
C PRO B 426 -16.97 18.06 10.04
N SER B 427 -17.84 17.87 11.05
CA SER B 427 -17.75 18.65 12.28
C SER B 427 -16.82 17.98 13.30
N ALA B 428 -16.03 17.01 12.85
CA ALA B 428 -15.15 16.27 13.74
C ALA B 428 -13.99 17.13 14.24
N VAL B 429 -13.39 17.91 13.35
CA VAL B 429 -12.22 18.71 13.68
C VAL B 429 -12.34 20.15 13.19
N PRO B 430 -11.68 21.09 13.88
CA PRO B 430 -11.68 22.51 13.48
C PRO B 430 -11.10 22.72 12.08
N LEU B 431 -11.64 23.71 11.36
CA LEU B 431 -11.15 24.07 10.03
C LEU B 431 -9.75 24.66 10.10
N PRO B 432 -8.79 23.99 9.46
CA PRO B 432 -7.39 24.46 9.48
C PRO B 432 -7.12 25.56 8.47
N ASP B 433 -6.63 26.69 8.94
CA ASP B 433 -6.24 27.78 8.06
C ASP B 433 -4.78 27.64 7.65
N THR B 434 -4.49 26.56 6.92
CA THR B 434 -3.12 26.27 6.50
C THR B 434 -2.54 27.35 5.59
N ASP B 435 -1.29 27.71 5.86
CA ASP B 435 -0.56 28.63 5.01
C ASP B 435 0.75 27.97 4.56
N MET B 436 1.78 28.77 4.33
CA MET B 436 3.08 28.23 3.96
C MET B 436 3.93 28.01 5.20
N ASP B 437 3.52 28.60 6.32
CA ASP B 437 4.20 28.42 7.59
C ASP B 437 3.67 27.18 8.32
N SER B 438 2.37 26.93 8.15
CA SER B 438 1.72 25.78 8.78
C SER B 438 2.28 24.47 8.24
N LEU B 439 2.65 24.46 6.95
CA LEU B 439 3.22 23.29 6.33
C LEU B 439 4.65 23.03 6.79
N ARG B 440 5.37 24.12 7.04
CA ARG B 440 6.78 24.05 7.42
C ARG B 440 6.98 23.37 8.77
N GLU B 441 6.08 23.64 9.71
CA GLU B 441 6.21 23.12 11.07
C GLU B 441 5.04 22.23 11.46
N ALA B 442 4.72 21.25 10.61
CA ALA B 442 3.68 20.28 10.92
C ALA B 442 4.14 18.87 10.58
N ARG B 443 4.00 17.96 11.53
CA ARG B 443 4.39 16.57 11.33
C ARG B 443 3.40 15.85 10.42
N ARG B 444 3.80 14.67 9.97
CA ARG B 444 3.00 13.89 9.03
C ARG B 444 1.70 13.38 9.65
N GLU B 445 1.77 12.98 10.92
CA GLU B 445 0.62 12.43 11.62
C GLU B 445 -0.54 13.43 11.69
N ASP B 446 -0.20 14.69 11.99
CA ASP B 446 -1.19 15.75 12.08
C ASP B 446 -1.93 15.93 10.76
N MET B 447 -1.17 15.96 9.66
CA MET B 447 -1.75 16.13 8.33
C MET B 447 -2.60 14.93 7.94
N LEU B 448 -2.15 13.73 8.29
CA LEU B 448 -2.88 12.51 7.97
C LEU B 448 -4.22 12.46 8.71
N ARG B 449 -4.18 12.83 9.99
CA ARG B 449 -5.40 12.89 10.79
C ARG B 449 -6.33 13.99 10.25
N LEU B 450 -5.74 15.08 9.77
CA LEU B 450 -6.51 16.16 9.18
C LEU B 450 -7.25 15.71 7.93
N ALA B 451 -6.55 14.98 7.06
CA ALA B 451 -7.14 14.45 5.85
C ALA B 451 -8.20 13.40 6.17
N ASN B 452 -7.96 12.64 7.24
CA ASN B 452 -8.90 11.62 7.67
C ASN B 452 -10.20 12.21 8.21
N LYS B 453 -10.10 13.31 8.94
CA LYS B 453 -11.25 13.90 9.61
C LYS B 453 -11.92 15.01 8.81
N ASP B 454 -11.14 16.00 8.40
CA ASP B 454 -11.68 17.13 7.64
C ASP B 454 -11.95 16.74 6.19
N SER B 455 -13.04 16.01 5.97
CA SER B 455 -13.42 15.59 4.61
C SER B 455 -14.90 15.84 4.38
N ILE B 456 -15.39 15.36 3.24
CA ILE B 456 -16.81 15.46 2.92
C ILE B 456 -17.62 14.56 3.82
N GLY B 457 -18.92 14.80 3.89
CA GLY B 457 -19.80 13.92 4.65
C GLY B 457 -19.95 12.60 3.92
N PHE B 458 -19.85 11.49 4.65
CA PHE B 458 -19.95 10.18 4.01
C PHE B 458 -20.48 9.11 4.96
N PHE B 459 -20.90 7.98 4.38
CA PHE B 459 -21.43 6.86 5.15
C PHE B 459 -21.17 5.53 4.45
N ILE B 460 -20.52 4.62 5.16
CA ILE B 460 -20.19 3.29 4.65
C ILE B 460 -20.65 2.20 5.61
N ALA B 461 -21.41 1.25 5.08
CA ALA B 461 -21.90 0.11 5.85
C ALA B 461 -21.60 -1.20 5.13
N LYS B 462 -21.10 -2.19 5.85
CA LYS B 462 -20.68 -3.45 5.24
C LYS B 462 -21.53 -4.63 5.70
N PHE B 463 -22.13 -5.34 4.75
CA PHE B 463 -22.98 -6.48 5.04
C PHE B 463 -22.42 -7.77 4.46
N VAL B 464 -22.71 -8.89 5.12
CA VAL B 464 -22.35 -10.21 4.60
C VAL B 464 -23.59 -11.12 4.55
N LYS B 465 -23.66 -11.97 3.55
CA LYS B 465 -24.77 -12.92 3.42
C LYS B 465 -24.37 -14.25 4.05
N CYS B 466 -25.35 -15.09 4.36
CA CYS B 466 -25.07 -16.38 5.00
C CYS B 466 -25.13 -17.53 4.00
N SFG E . 17.31 -12.56 -5.98
CA SFG E . 16.88 -13.86 -5.69
C SFG E . 15.64 -13.80 -4.84
O SFG E . 14.89 -14.79 -4.76
OXT SFG E . 15.35 -12.76 -4.22
CB SFG E . 17.99 -14.62 -4.94
CG SFG E . 19.26 -14.75 -5.85
CD SFG E . 20.22 -15.78 -5.25
NE SFG E . 20.38 -15.54 -3.91
C5' SFG E . 21.57 -15.69 -5.97
C4' SFG E . 21.47 -16.41 -7.32
O4' SFG E . 22.35 -15.93 -8.17
C3' SFG E . 21.87 -17.86 -7.17
O3' SFG E . 20.76 -18.63 -7.04
C2' SFG E . 22.64 -18.22 -8.48
O2' SFG E . 21.96 -19.34 -9.21
C1' SFG E . 22.62 -17.14 -9.21
N9 SFG E . 23.87 -16.95 -9.89
C8 SFG E . 25.11 -17.25 -9.45
N7 SFG E . 26.00 -16.91 -10.42
C5 SFG E . 25.31 -16.42 -11.47
C6 SFG E . 25.70 -15.93 -12.72
N6 SFG E . 27.01 -15.80 -13.30
N1 SFG E . 24.79 -15.50 -13.60
C2 SFG E . 23.46 -15.53 -13.27
N3 SFG E . 23.07 -15.99 -12.06
C4 SFG E . 23.99 -16.44 -11.15
N SFG F . -20.54 5.44 -7.60
CA SFG F . -20.36 6.53 -8.46
C SFG F . -18.93 6.99 -8.41
O SFG F . -18.45 7.67 -9.35
OXT SFG F . -18.21 6.67 -7.44
CB SFG F . -21.29 7.69 -8.04
CG SFG F . -22.78 7.22 -8.05
CD SFG F . -23.69 8.35 -8.54
NE SFG F . -23.42 9.51 -7.83
C5' SFG F . -25.16 7.94 -8.33
C4' SFG F . -25.68 7.28 -9.61
O4' SFG F . -26.68 6.48 -9.36
C3' SFG F . -26.28 8.32 -10.54
O3' SFG F . -25.38 8.70 -11.47
C2' SFG F . -27.51 7.62 -11.20
O2' SFG F . -27.35 7.61 -12.69
C1' SFG F . -27.49 6.41 -10.75
N9 SFG F . -28.83 5.91 -10.55
C8 SFG F . -29.84 6.52 -9.92
N7 SFG F . -30.92 5.69 -9.96
C5 SFG F . -30.56 4.56 -10.61
C6 SFG F . -31.26 3.40 -10.93
N6 SFG F . -32.62 3.00 -10.67
N1 SFG F . -30.65 2.42 -11.61
C2 SFG F . -29.34 2.55 -11.99
N3 SFG F . -28.66 3.68 -11.67
C4 SFG F . -29.27 4.69 -10.98
#